data_5Y11
#
_entry.id   5Y11
#
_cell.length_a   82.605
_cell.length_b   103.194
_cell.length_c   112.031
_cell.angle_alpha   90.00
_cell.angle_beta   90.00
_cell.angle_gamma   90.00
#
_symmetry.space_group_name_H-M   'P 21 21 21'
#
loop_
_entity.id
_entity.type
_entity.pdbx_description
1 polymer 'MAb 4-5 heavy chain'
2 polymer 'MAb 4-5 light chain'
3 polymer 'Membrane glycoprotein polyprotein'
4 branched 2-acetamido-2-deoxy-beta-D-glucopyranose-(1-4)-2-acetamido-2-deoxy-beta-D-glucopyranose
5 branched alpha-D-mannopyranose-(1-4)-2-acetamido-2-deoxy-beta-D-glucopyranose-(1-4)-2-acetamido-2-deoxy-beta-D-glucopyranose
6 water water
#
loop_
_entity_poly.entity_id
_entity_poly.type
_entity_poly.pdbx_seq_one_letter_code
_entity_poly.pdbx_strand_id
1 'polypeptide(L)'
;SEVQLVQSGAEVKEPRESLKISCKGSGYSFTNYWIGWVRQMPGKGLEWMGIIFPGDSDTRYSPSFQGQVTISADKSINTA
YLQWSSLKASDTAIYYCARLKRRGFSGEGYFDYWGQGTLVTVSSASTKGPSVFPLAPSSKSTSGGTAALGCLVKDYFPEP
VTVSWNSGALTSGVHTFPAVLQSSGLYSLSSVVTVPSSSLGTQTYICNVNHKPSNTKVDKRVEPKSCDK
;
A
2 'polypeptide(L)'
;ELTLTQSPATLSVSPGERATLSCRASQSVSSNLAWYQQKPGQAPRLLIYGASTRATGIPARFSGSGSGTEFTLTISSLQS
EDFAVYYCQQYNNWPPYTFGQGTKVEIKRTVAAPSVFIFPPSDEQLKSGTASVVCLLNNFYPREAKVQWKVDNALQSGNS
QESVTEQDSKDSTYSLSSTLTLSKADYEKHKVYACEVTHQGLSSPVTKSFNRGECSHHHHHH
;
B
3 'polypeptide(L)'
;DSGPIICAGPIHSNKSADIPHLLGYSEKICQIDRLIHVSSWLRNHSQFQGYVGQRGGRSQVSYYPAENSYSRWSGLLSPC
DADWLGMLVVKKAKGSDMIVPGPSYKGKVFFERPTFDGYVGWGCGSGKSRTESGELCSSDSGTSSGLLPSDRVLWIGDVA
CQPMTPIPEETFLELKSFSQSEFPDICKIDGIVFNQCEGESLPQPFDVAWMDVGHSHKIIMREHKTKWVQESSSKDFVCY
KEGTGPCSESEEKTCKTSGSCRGDMQFCKVAGCEHGEEASEAKCRCSLVHKPGEVVVSYGGMRVRPKCYGFSRMMATLEV
N
;
C
#
# COMPACT_ATOMS: atom_id res chain seq x y z
N SER A 1 -18.71 -10.90 16.04
CA SER A 1 -18.44 -9.54 15.59
C SER A 1 -17.72 -9.50 14.24
N GLU A 2 -18.21 -8.63 13.37
CA GLU A 2 -17.61 -8.36 12.06
C GLU A 2 -16.87 -7.02 12.11
N VAL A 3 -15.88 -6.88 11.23
CA VAL A 3 -15.17 -5.62 11.09
C VAL A 3 -16.14 -4.52 10.68
N GLN A 4 -16.14 -3.40 11.41
CA GLN A 4 -16.86 -2.20 11.01
C GLN A 4 -15.99 -0.95 11.14
N LEU A 5 -16.07 -0.07 10.15
CA LEU A 5 -15.48 1.26 10.22
C LEU A 5 -16.62 2.27 10.08
N VAL A 6 -16.81 3.10 11.11
CA VAL A 6 -17.86 4.09 11.15
C VAL A 6 -17.22 5.47 11.14
N GLN A 7 -17.51 6.24 10.11
CA GLN A 7 -16.97 7.58 9.98
C GLN A 7 -17.93 8.61 10.56
N SER A 8 -17.37 9.78 10.85
CA SER A 8 -18.17 10.90 11.35
C SER A 8 -19.05 11.46 10.23
N GLY A 9 -19.94 12.37 10.61
CA GLY A 9 -20.95 12.88 9.70
C GLY A 9 -20.45 13.95 8.75
N ALA A 10 -21.34 14.35 7.85
CA ALA A 10 -21.02 15.33 6.81
C ALA A 10 -20.61 16.66 7.44
N GLU A 11 -19.66 17.33 6.81
CA GLU A 11 -19.09 18.58 7.28
C GLU A 11 -19.33 19.68 6.26
N VAL A 12 -19.63 20.88 6.75
CA VAL A 12 -19.79 22.07 5.93
C VAL A 12 -18.88 23.13 6.53
N LYS A 13 -17.85 23.52 5.80
CA LYS A 13 -16.82 24.43 6.31
C LYS A 13 -16.53 25.52 5.31
N GLU A 14 -15.92 26.60 5.81
CA GLU A 14 -15.44 27.69 4.98
C GLU A 14 -13.98 27.49 4.62
N PRO A 15 -13.52 28.10 3.52
CA PRO A 15 -12.08 28.05 3.21
C PRO A 15 -11.26 28.63 4.35
N ARG A 16 -10.07 28.06 4.53
CA ARG A 16 -9.10 28.39 5.58
C ARG A 16 -9.52 27.95 6.97
N GLU A 17 -10.72 27.41 7.13
CA GLU A 17 -11.07 26.73 8.36
C GLU A 17 -10.30 25.42 8.49
N SER A 18 -10.10 24.98 9.73
CA SER A 18 -9.52 23.67 10.01
C SER A 18 -10.62 22.62 10.15
N LEU A 19 -10.25 21.36 9.95
CA LEU A 19 -11.23 20.27 10.01
C LEU A 19 -10.52 18.98 10.35
N LYS A 20 -11.11 18.20 11.27
CA LYS A 20 -10.63 16.86 11.59
C LYS A 20 -11.81 15.90 11.49
N ILE A 21 -11.70 14.89 10.64
CA ILE A 21 -12.76 13.89 10.51
C ILE A 21 -12.21 12.56 11.04
N SER A 22 -13.14 11.65 11.36
CA SER A 22 -12.78 10.50 12.18
C SER A 22 -13.37 9.20 11.63
N CYS A 23 -12.79 8.09 12.07
CA CYS A 23 -13.11 6.75 11.56
C CYS A 23 -12.91 5.79 12.72
N LYS A 24 -13.98 5.23 13.25
CA LYS A 24 -13.90 4.38 14.42
C LYS A 24 -13.98 2.91 14.02
N GLY A 25 -12.95 2.15 14.36
CA GLY A 25 -12.87 0.74 13.99
C GLY A 25 -13.38 -0.15 15.12
N SER A 26 -14.13 -1.18 14.74
CA SER A 26 -14.62 -2.14 15.71
C SER A 26 -14.59 -3.55 15.10
N GLY A 27 -14.63 -4.54 15.97
CA GLY A 27 -14.69 -5.93 15.57
C GLY A 27 -13.36 -6.57 15.21
N TYR A 28 -12.24 -5.93 15.53
CA TYR A 28 -10.93 -6.47 15.19
C TYR A 28 -9.88 -5.81 16.08
N SER A 29 -8.66 -6.37 16.05
CA SER A 29 -7.54 -5.82 16.81
C SER A 29 -7.03 -4.55 16.15
N PHE A 30 -7.44 -3.40 16.68
CA PHE A 30 -7.20 -2.11 16.04
C PHE A 30 -5.72 -1.81 15.83
N THR A 31 -4.86 -2.18 16.79
CA THR A 31 -3.45 -1.81 16.69
C THR A 31 -2.71 -2.54 15.57
N ASN A 32 -3.29 -3.58 14.98
CA ASN A 32 -2.53 -4.50 14.14
C ASN A 32 -2.75 -4.33 12.65
N TYR A 33 -3.53 -3.34 12.22
CA TYR A 33 -3.85 -3.15 10.81
C TYR A 33 -3.68 -1.70 10.44
N TRP A 34 -3.05 -1.45 9.30
CA TRP A 34 -3.04 -0.12 8.73
C TRP A 34 -4.47 0.34 8.43
N ILE A 35 -4.70 1.64 8.62
CA ILE A 35 -5.94 2.32 8.19
C ILE A 35 -5.57 3.34 7.14
N GLY A 36 -6.26 3.31 6.00
CA GLY A 36 -6.00 4.27 4.95
C GLY A 36 -7.12 5.26 4.75
N TRP A 37 -6.83 6.38 4.09
CA TRP A 37 -7.84 7.35 3.70
C TRP A 37 -7.83 7.52 2.19
N VAL A 38 -9.03 7.58 1.60
CA VAL A 38 -9.21 7.65 0.15
C VAL A 38 -10.14 8.82 -0.17
N ARG A 39 -9.70 9.69 -1.05
CA ARG A 39 -10.49 10.84 -1.48
C ARG A 39 -11.24 10.50 -2.77
N GLN A 40 -12.49 10.96 -2.87
CA GLN A 40 -13.25 10.87 -4.13
C GLN A 40 -13.87 12.25 -4.41
N MET A 41 -13.28 12.96 -5.35
CA MET A 41 -13.82 14.26 -5.70
C MET A 41 -15.09 14.09 -6.52
N PRO A 42 -16.03 15.07 -6.46
CA PRO A 42 -17.35 14.87 -7.06
C PRO A 42 -17.28 14.43 -8.51
N GLY A 43 -17.88 13.28 -8.82
CA GLY A 43 -17.86 12.73 -10.16
C GLY A 43 -16.54 12.20 -10.64
N LYS A 44 -15.60 11.91 -9.75
CA LYS A 44 -14.29 11.42 -10.16
C LYS A 44 -14.06 10.05 -9.54
N GLY A 45 -12.86 9.51 -9.74
CA GLY A 45 -12.48 8.21 -9.22
C GLY A 45 -11.89 8.31 -7.83
N LEU A 46 -11.15 7.28 -7.46
CA LEU A 46 -10.57 7.16 -6.13
C LEU A 46 -9.08 7.52 -6.15
N GLU A 47 -8.63 8.20 -5.09
CA GLU A 47 -7.23 8.56 -4.93
C GLU A 47 -6.80 8.20 -3.52
N TRP A 48 -5.77 7.38 -3.41
CA TRP A 48 -5.23 7.07 -2.09
C TRP A 48 -4.49 8.28 -1.54
N MET A 49 -4.78 8.63 -0.27
CA MET A 49 -4.18 9.77 0.41
C MET A 49 -3.03 9.39 1.34
N GLY A 50 -3.24 8.44 2.22
CA GLY A 50 -2.21 8.01 3.14
C GLY A 50 -2.73 6.88 4.01
N ILE A 51 -1.83 6.32 4.82
CA ILE A 51 -2.15 5.24 5.75
C ILE A 51 -1.47 5.49 7.09
N ILE A 52 -2.05 4.96 8.16
CA ILE A 52 -1.44 4.99 9.48
C ILE A 52 -1.50 3.59 10.08
N PHE A 53 -0.44 3.21 10.79
CA PHE A 53 -0.43 1.98 11.55
C PHE A 53 -0.65 2.32 13.01
N PRO A 54 -1.83 2.07 13.57
CA PRO A 54 -2.12 2.58 14.92
C PRO A 54 -1.22 1.98 15.99
N GLY A 55 -0.57 0.85 15.71
CA GLY A 55 0.26 0.22 16.72
C GLY A 55 1.41 1.10 17.16
N ASP A 56 2.02 1.84 16.23
CA ASP A 56 3.12 2.73 16.56
C ASP A 56 2.99 4.10 15.89
N SER A 57 1.82 4.43 15.35
CA SER A 57 1.52 5.73 14.74
C SER A 57 2.41 6.05 13.55
N ASP A 58 3.06 5.05 12.98
CA ASP A 58 3.81 5.26 11.75
C ASP A 58 2.84 5.62 10.62
N THR A 59 3.24 6.56 9.76
CA THR A 59 2.37 7.07 8.71
C THR A 59 3.11 7.09 7.37
N ARG A 60 2.35 6.90 6.30
CA ARG A 60 2.85 7.01 4.95
C ARG A 60 1.82 7.75 4.11
N TYR A 61 2.27 8.75 3.38
CA TYR A 61 1.38 9.57 2.57
C TYR A 61 1.66 9.39 1.09
N SER A 62 0.63 9.55 0.28
CA SER A 62 0.88 9.69 -1.14
C SER A 62 1.65 11.00 -1.38
N PRO A 63 2.58 11.02 -2.33
CA PRO A 63 3.25 12.29 -2.67
C PRO A 63 2.29 13.41 -3.00
N SER A 64 1.11 13.10 -3.51
CA SER A 64 0.13 14.13 -3.85
C SER A 64 -0.43 14.83 -2.62
N PHE A 65 -0.43 14.15 -1.46
CA PHE A 65 -1.02 14.71 -0.25
C PHE A 65 -0.02 14.96 0.87
N GLN A 66 1.22 14.51 0.72
CA GLN A 66 2.27 14.74 1.70
C GLN A 66 2.36 16.23 2.00
N GLY A 67 2.29 16.59 3.28
CA GLY A 67 2.33 17.97 3.68
C GLY A 67 1.02 18.72 3.55
N GLN A 68 0.00 18.13 2.91
CA GLN A 68 -1.30 18.78 2.76
C GLN A 68 -2.31 18.35 3.81
N VAL A 69 -2.14 17.15 4.38
CA VAL A 69 -3.06 16.59 5.37
C VAL A 69 -2.23 15.86 6.41
N THR A 70 -2.85 15.59 7.56
CA THR A 70 -2.23 14.80 8.61
C THR A 70 -3.18 13.68 9.01
N ILE A 71 -2.66 12.47 9.05
CA ILE A 71 -3.41 11.30 9.48
C ILE A 71 -2.90 10.90 10.85
N SER A 72 -3.81 10.63 11.77
CA SER A 72 -3.44 10.24 13.13
C SER A 72 -4.36 9.12 13.61
N ALA A 73 -4.04 8.58 14.78
CA ALA A 73 -4.83 7.53 15.39
C ALA A 73 -4.80 7.70 16.90
N ASP A 74 -5.86 7.23 17.56
CA ASP A 74 -5.91 7.17 19.03
C ASP A 74 -6.33 5.75 19.38
N LYS A 75 -5.36 4.91 19.75
CA LYS A 75 -5.68 3.50 19.95
C LYS A 75 -6.47 3.27 21.22
N SER A 76 -6.50 4.25 22.12
CA SER A 76 -7.32 4.11 23.31
C SER A 76 -8.81 4.12 22.97
N ILE A 77 -9.20 4.63 21.80
CA ILE A 77 -10.61 4.69 21.43
C ILE A 77 -10.82 4.15 20.02
N ASN A 78 -9.85 3.40 19.52
CA ASN A 78 -10.01 2.69 18.24
C ASN A 78 -10.42 3.62 17.12
N THR A 79 -9.84 4.82 17.08
CA THR A 79 -10.24 5.79 16.08
C THR A 79 -9.05 6.31 15.30
N ALA A 80 -9.20 6.39 13.99
CA ALA A 80 -8.23 7.04 13.11
C ALA A 80 -8.81 8.37 12.66
N TYR A 81 -7.92 9.29 12.25
CA TYR A 81 -8.33 10.66 11.95
C TYR A 81 -7.64 11.16 10.69
N LEU A 82 -8.30 12.09 10.00
CA LEU A 82 -7.74 12.84 8.87
C LEU A 82 -7.99 14.32 9.11
N GLN A 83 -6.94 15.15 9.00
CA GLN A 83 -7.22 16.55 9.32
C GLN A 83 -6.43 17.53 8.46
N TRP A 84 -7.00 18.71 8.32
CA TRP A 84 -6.48 19.84 7.55
C TRP A 84 -6.30 21.04 8.47
N SER A 85 -5.17 21.74 8.35
CA SER A 85 -5.01 23.01 9.06
C SER A 85 -5.88 24.10 8.43
N SER A 86 -5.99 24.11 7.11
CA SER A 86 -6.65 25.23 6.41
C SER A 86 -7.25 24.68 5.12
N LEU A 87 -8.57 24.60 5.05
CA LEU A 87 -9.23 23.98 3.92
C LEU A 87 -9.26 24.94 2.74
N LYS A 88 -9.25 24.37 1.53
CA LYS A 88 -9.51 25.09 0.30
C LYS A 88 -10.80 24.60 -0.32
N ALA A 89 -11.34 25.38 -1.25
CA ALA A 89 -12.56 25.00 -1.97
C ALA A 89 -12.41 23.64 -2.63
N SER A 90 -11.23 23.35 -3.18
CA SER A 90 -10.98 22.13 -3.91
C SER A 90 -10.88 20.88 -3.01
N ASP A 91 -11.06 21.02 -1.70
CA ASP A 91 -11.10 19.87 -0.80
C ASP A 91 -12.50 19.28 -0.68
N THR A 92 -13.49 19.90 -1.31
CA THR A 92 -14.83 19.37 -1.35
C THR A 92 -14.83 18.00 -2.04
N ALA A 93 -15.23 16.96 -1.31
CA ALA A 93 -15.14 15.60 -1.81
C ALA A 93 -15.77 14.65 -0.80
N ILE A 94 -15.82 13.38 -1.12
CA ILE A 94 -16.11 12.34 -0.13
C ILE A 94 -14.79 11.71 0.28
N TYR A 95 -14.63 11.47 1.57
CA TYR A 95 -13.43 10.86 2.13
C TYR A 95 -13.84 9.54 2.78
N TYR A 96 -13.19 8.46 2.35
CA TYR A 96 -13.38 7.12 2.91
C TYR A 96 -12.18 6.74 3.74
N CYS A 97 -12.42 6.13 4.89
CA CYS A 97 -11.35 5.37 5.51
C CYS A 97 -11.52 3.91 5.13
N ALA A 98 -10.43 3.15 5.25
CA ALA A 98 -10.48 1.74 4.88
C ALA A 98 -9.36 1.02 5.61
N ARG A 99 -9.63 -0.22 5.99
CA ARG A 99 -8.64 -1.04 6.65
C ARG A 99 -7.80 -1.77 5.62
N LEU A 100 -6.48 -1.78 5.85
CA LEU A 100 -5.55 -2.47 4.96
C LEU A 100 -5.34 -3.90 5.44
N LYS A 101 -5.40 -4.84 4.51
CA LYS A 101 -5.15 -6.25 4.77
C LYS A 101 -3.86 -6.63 4.06
N ARG A 102 -2.87 -7.05 4.84
CA ARG A 102 -1.57 -7.46 4.31
C ARG A 102 -1.45 -8.97 4.33
N ARG A 103 -0.88 -9.53 3.25
CA ARG A 103 -0.70 -10.96 3.13
C ARG A 103 0.71 -11.18 2.60
N GLY A 104 1.67 -11.37 3.50
CA GLY A 104 3.00 -11.74 3.09
C GLY A 104 3.91 -10.55 2.86
N PHE A 105 5.07 -10.88 2.28
CA PHE A 105 6.17 -9.93 2.12
C PHE A 105 6.27 -9.36 0.71
N SER A 106 5.43 -9.80 -0.23
CA SER A 106 5.59 -9.42 -1.63
C SER A 106 4.93 -8.09 -2.00
N GLY A 107 3.77 -7.78 -1.46
CA GLY A 107 3.11 -6.54 -1.83
C GLY A 107 2.86 -5.64 -0.66
N GLU A 108 1.97 -4.65 -0.83
CA GLU A 108 1.70 -3.65 0.20
C GLU A 108 0.30 -3.72 0.79
N GLY A 109 -0.49 -4.74 0.48
CA GLY A 109 -1.83 -4.86 1.05
C GLY A 109 -2.92 -4.19 0.21
N TYR A 110 -4.16 -4.62 0.43
CA TYR A 110 -5.33 -4.09 -0.25
C TYR A 110 -6.34 -3.68 0.81
N PHE A 111 -7.37 -2.93 0.42
CA PHE A 111 -8.31 -2.39 1.41
C PHE A 111 -9.51 -3.32 1.53
N ASP A 112 -9.60 -4.04 2.66
CA ASP A 112 -10.61 -5.10 2.72
C ASP A 112 -11.94 -4.65 3.32
N TYR A 113 -11.96 -3.61 4.14
CA TYR A 113 -13.21 -3.11 4.72
C TYR A 113 -13.17 -1.60 4.67
N TRP A 114 -14.29 -0.99 4.31
CA TRP A 114 -14.38 0.44 4.04
C TRP A 114 -15.38 1.10 4.96
N GLY A 115 -15.09 2.32 5.39
CA GLY A 115 -16.09 3.13 6.06
C GLY A 115 -17.16 3.61 5.09
N GLN A 116 -18.22 4.24 5.62
CA GLN A 116 -19.32 4.65 4.76
C GLN A 116 -19.05 5.98 4.04
N GLY A 117 -17.96 6.66 4.36
CA GLY A 117 -17.60 7.90 3.69
C GLY A 117 -18.12 9.12 4.44
N THR A 118 -17.36 10.21 4.35
CA THR A 118 -17.73 11.48 4.96
C THR A 118 -17.72 12.54 3.87
N LEU A 119 -18.86 13.17 3.65
CA LEU A 119 -18.93 14.28 2.71
C LEU A 119 -18.41 15.55 3.36
N VAL A 120 -17.44 16.19 2.72
CA VAL A 120 -16.89 17.46 3.18
C VAL A 120 -17.21 18.51 2.12
N THR A 121 -17.87 19.60 2.52
CA THR A 121 -18.22 20.68 1.61
C THR A 121 -17.52 21.94 2.09
N VAL A 122 -16.73 22.56 1.20
CA VAL A 122 -16.00 23.79 1.51
C VAL A 122 -16.58 24.92 0.65
N SER A 123 -17.20 25.90 1.29
CA SER A 123 -17.72 27.08 0.61
C SER A 123 -17.62 28.29 1.54
N SER A 124 -17.35 29.46 0.95
CA SER A 124 -17.39 30.69 1.74
C SER A 124 -18.80 31.19 1.97
N ALA A 125 -19.82 30.47 1.53
CA ALA A 125 -21.18 30.97 1.68
C ALA A 125 -21.76 30.56 3.02
N SER A 126 -22.74 31.33 3.47
CA SER A 126 -23.54 31.00 4.64
C SER A 126 -24.90 30.49 4.19
N THR A 127 -25.68 30.01 5.16
CA THR A 127 -26.96 29.37 4.85
C THR A 127 -27.85 30.33 4.09
N LYS A 128 -28.47 29.85 3.01
CA LYS A 128 -29.23 30.76 2.14
C LYS A 128 -30.27 29.99 1.37
N GLY A 129 -31.51 30.49 1.38
CA GLY A 129 -32.60 29.85 0.67
C GLY A 129 -32.56 30.16 -0.82
N PRO A 130 -33.13 29.27 -1.63
CA PRO A 130 -33.04 29.42 -3.09
C PRO A 130 -34.00 30.45 -3.65
N SER A 131 -33.60 31.02 -4.79
CA SER A 131 -34.52 31.72 -5.67
C SER A 131 -35.03 30.72 -6.70
N VAL A 132 -36.34 30.76 -6.97
CA VAL A 132 -36.96 29.79 -7.87
C VAL A 132 -37.49 30.55 -9.08
N PHE A 133 -37.00 30.17 -10.26
CA PHE A 133 -37.33 30.85 -11.49
C PHE A 133 -38.01 29.88 -12.45
N PRO A 134 -39.01 30.34 -13.19
CA PRO A 134 -39.71 29.44 -14.11
C PRO A 134 -38.88 29.16 -15.35
N LEU A 135 -38.92 27.90 -15.79
CA LEU A 135 -38.45 27.51 -17.12
C LEU A 135 -39.72 27.38 -17.96
N ALA A 136 -40.07 28.45 -18.65
CA ALA A 136 -41.37 28.59 -19.28
C ALA A 136 -41.44 27.82 -20.59
N PRO A 137 -42.53 27.07 -20.81
CA PRO A 137 -42.71 26.42 -22.10
C PRO A 137 -43.10 27.43 -23.17
N SER A 138 -42.48 27.34 -24.35
CA SER A 138 -41.23 26.64 -24.63
C SER A 138 -40.73 27.17 -25.98
N GLY A 145 -48.32 17.27 -29.49
CA GLY A 145 -47.17 16.60 -28.92
C GLY A 145 -46.94 16.96 -27.47
N THR A 146 -45.70 16.76 -27.00
CA THR A 146 -45.34 17.09 -25.63
C THR A 146 -44.46 18.34 -25.59
N ALA A 147 -44.51 19.01 -24.46
CA ALA A 147 -43.69 20.18 -24.18
C ALA A 147 -42.89 19.92 -22.91
N ALA A 148 -41.88 20.76 -22.67
CA ALA A 148 -41.08 20.69 -21.46
C ALA A 148 -41.23 22.01 -20.71
N LEU A 149 -41.34 21.92 -19.40
CA LEU A 149 -41.31 23.11 -18.56
C LEU A 149 -40.56 22.75 -17.28
N GLY A 150 -40.27 23.75 -16.46
CA GLY A 150 -39.55 23.43 -15.25
C GLY A 150 -39.29 24.64 -14.38
N CYS A 151 -38.42 24.41 -13.40
CA CYS A 151 -38.05 25.39 -12.39
C CYS A 151 -36.54 25.38 -12.23
N LEU A 152 -35.94 26.57 -12.24
CA LEU A 152 -34.53 26.77 -11.96
C LEU A 152 -34.39 27.20 -10.49
N VAL A 153 -33.77 26.34 -9.69
CA VAL A 153 -33.63 26.53 -8.24
C VAL A 153 -32.21 27.00 -8.03
N LYS A 154 -32.02 28.30 -7.78
CA LYS A 154 -30.70 28.89 -7.88
C LYS A 154 -30.25 29.52 -6.56
N ASP A 155 -28.95 29.41 -6.30
CA ASP A 155 -28.23 30.14 -5.25
C ASP A 155 -28.78 29.81 -3.86
N TYR A 156 -28.66 28.54 -3.49
CA TYR A 156 -29.00 28.12 -2.15
C TYR A 156 -27.80 27.42 -1.51
N PHE A 157 -27.85 27.29 -0.18
CA PHE A 157 -26.75 26.68 0.56
C PHE A 157 -27.24 26.35 1.96
N PRO A 158 -26.88 25.19 2.52
CA PRO A 158 -26.19 24.12 1.82
C PRO A 158 -27.19 23.16 1.17
N GLU A 159 -26.72 21.99 0.77
CA GLU A 159 -27.64 20.93 0.36
C GLU A 159 -28.41 20.41 1.58
N PRO A 160 -29.60 19.83 1.39
CA PRO A 160 -30.32 19.66 0.12
C PRO A 160 -31.56 20.55 -0.03
N VAL A 161 -32.05 20.69 -1.26
CA VAL A 161 -33.41 21.15 -1.52
C VAL A 161 -34.22 19.92 -1.92
N THR A 162 -35.53 19.99 -1.71
CA THR A 162 -36.43 19.00 -2.27
C THR A 162 -37.38 19.72 -3.21
N VAL A 163 -37.66 19.07 -4.33
CA VAL A 163 -38.50 19.62 -5.37
C VAL A 163 -39.62 18.62 -5.63
N SER A 164 -40.86 19.09 -5.57
CA SER A 164 -41.99 18.30 -6.03
C SER A 164 -42.80 19.15 -7.00
N TRP A 165 -43.68 18.50 -7.75
CA TRP A 165 -44.55 19.18 -8.68
C TRP A 165 -46.01 18.97 -8.28
N ASN A 166 -46.78 20.05 -8.30
CA ASN A 166 -48.20 20.02 -7.92
C ASN A 166 -48.40 19.32 -6.58
N SER A 167 -47.53 19.64 -5.62
CA SER A 167 -47.58 19.08 -4.27
C SER A 167 -47.57 17.55 -4.29
N GLY A 168 -46.78 16.99 -5.20
CA GLY A 168 -46.60 15.54 -5.25
C GLY A 168 -47.57 14.79 -6.14
N ALA A 169 -48.58 15.45 -6.69
CA ALA A 169 -49.50 14.79 -7.61
C ALA A 169 -48.85 14.44 -8.93
N LEU A 170 -47.74 15.09 -9.28
CA LEU A 170 -47.05 14.92 -10.55
C LEU A 170 -45.65 14.39 -10.26
N THR A 171 -45.42 13.10 -10.55
CA THR A 171 -44.11 12.51 -10.27
C THR A 171 -43.49 11.81 -11.48
N SER A 172 -44.29 11.15 -12.32
CA SER A 172 -43.77 10.51 -13.52
C SER A 172 -43.48 11.55 -14.60
N GLY A 173 -42.33 11.40 -15.26
CA GLY A 173 -41.91 12.34 -16.27
C GLY A 173 -41.18 13.54 -15.73
N VAL A 174 -40.73 13.49 -14.48
CA VAL A 174 -40.01 14.57 -13.84
C VAL A 174 -38.53 14.21 -13.84
N HIS A 175 -37.68 15.15 -14.21
CA HIS A 175 -36.24 15.03 -14.00
C HIS A 175 -35.78 16.19 -13.13
N THR A 176 -35.29 15.88 -11.93
CA THR A 176 -34.68 16.87 -11.06
C THR A 176 -33.19 16.59 -11.06
N PHE A 177 -32.42 17.50 -11.61
CA PHE A 177 -31.02 17.23 -11.88
C PHE A 177 -30.19 17.37 -10.62
N PRO A 178 -29.03 16.72 -10.56
CA PRO A 178 -28.14 16.90 -9.41
C PRO A 178 -27.70 18.35 -9.30
N ALA A 179 -27.70 18.85 -8.08
CA ALA A 179 -27.20 20.19 -7.82
C ALA A 179 -25.74 20.31 -8.22
N VAL A 180 -25.36 21.49 -8.71
CA VAL A 180 -23.98 21.83 -8.98
C VAL A 180 -23.57 22.92 -7.99
N LEU A 181 -22.38 22.75 -7.39
CA LEU A 181 -21.81 23.76 -6.50
C LEU A 181 -21.07 24.77 -7.36
N GLN A 182 -21.64 25.98 -7.49
CA GLN A 182 -21.10 27.00 -8.37
C GLN A 182 -19.84 27.63 -7.74
N SER A 183 -19.14 28.41 -8.55
CA SER A 183 -17.91 29.06 -8.05
C SER A 183 -18.22 30.15 -7.04
N SER A 184 -19.46 30.63 -6.99
CA SER A 184 -19.90 31.50 -5.90
C SER A 184 -20.03 30.77 -4.57
N GLY A 185 -19.90 29.45 -4.54
CA GLY A 185 -20.11 28.71 -3.32
C GLY A 185 -21.55 28.35 -3.03
N LEU A 186 -22.47 28.66 -3.95
CA LEU A 186 -23.88 28.35 -3.81
C LEU A 186 -24.24 27.25 -4.80
N TYR A 187 -25.28 26.50 -4.47
CA TYR A 187 -25.75 25.42 -5.33
C TYR A 187 -26.81 25.92 -6.32
N SER A 188 -26.93 25.21 -7.43
CA SER A 188 -27.98 25.44 -8.40
C SER A 188 -28.46 24.11 -8.98
N LEU A 189 -29.75 24.04 -9.31
CA LEU A 189 -30.25 22.90 -10.07
C LEU A 189 -31.51 23.31 -10.81
N SER A 190 -31.92 22.46 -11.74
CA SER A 190 -33.18 22.60 -12.45
C SER A 190 -33.99 21.32 -12.26
N SER A 191 -35.31 21.47 -12.26
CA SER A 191 -36.24 20.35 -12.27
C SER A 191 -37.16 20.59 -13.46
N VAL A 192 -37.31 19.58 -14.32
CA VAL A 192 -38.11 19.75 -15.53
C VAL A 192 -39.13 18.61 -15.61
N VAL A 193 -40.20 18.86 -16.34
CA VAL A 193 -41.20 17.83 -16.55
C VAL A 193 -41.74 17.94 -17.97
N THR A 194 -42.13 16.80 -18.51
CA THR A 194 -42.72 16.69 -19.84
C THR A 194 -44.24 16.68 -19.71
N VAL A 195 -44.91 17.53 -20.48
CA VAL A 195 -46.37 17.68 -20.36
C VAL A 195 -46.97 17.73 -21.75
N PRO A 196 -48.28 17.42 -21.85
CA PRO A 196 -48.96 17.63 -23.14
C PRO A 196 -49.04 19.12 -23.44
N SER A 197 -48.68 19.47 -24.69
CA SER A 197 -48.84 20.85 -25.16
C SER A 197 -50.26 21.36 -24.96
N SER A 198 -51.27 20.51 -25.14
CA SER A 198 -52.65 20.97 -25.04
C SER A 198 -53.03 21.35 -23.60
N SER A 199 -52.28 20.89 -22.60
CA SER A 199 -52.53 21.28 -21.23
C SER A 199 -51.91 22.61 -20.86
N LEU A 200 -51.10 23.20 -21.74
CA LEU A 200 -50.47 24.49 -21.49
C LEU A 200 -51.55 25.57 -21.56
N GLY A 201 -51.99 26.04 -20.41
CA GLY A 201 -53.08 27.01 -20.35
C GLY A 201 -54.35 26.48 -19.71
N THR A 202 -54.53 25.16 -19.62
CA THR A 202 -55.65 24.60 -18.89
C THR A 202 -55.23 23.86 -17.63
N GLN A 203 -54.01 23.35 -17.57
CA GLN A 203 -53.50 22.70 -16.38
C GLN A 203 -52.55 23.64 -15.67
N THR A 204 -52.60 23.62 -14.34
CA THR A 204 -51.69 24.41 -13.52
C THR A 204 -50.51 23.53 -13.12
N TYR A 205 -49.30 24.03 -13.36
CA TYR A 205 -48.08 23.34 -12.98
C TYR A 205 -47.32 24.23 -12.00
N ILE A 206 -47.12 23.71 -10.79
CA ILE A 206 -46.47 24.42 -9.71
C ILE A 206 -45.34 23.55 -9.19
N CYS A 207 -44.14 24.10 -9.05
CA CYS A 207 -43.06 23.37 -8.42
C CYS A 207 -42.90 23.85 -6.99
N ASN A 208 -42.83 22.91 -6.07
CA ASN A 208 -42.71 23.20 -4.64
C ASN A 208 -41.28 22.90 -4.23
N VAL A 209 -40.56 23.93 -3.82
CA VAL A 209 -39.16 23.83 -3.46
C VAL A 209 -39.03 24.07 -1.97
N ASN A 210 -38.44 23.10 -1.26
CA ASN A 210 -38.28 23.19 0.18
C ASN A 210 -36.82 23.07 0.54
N HIS A 211 -36.30 24.11 1.21
CA HIS A 211 -34.92 24.15 1.66
C HIS A 211 -34.95 24.15 3.18
N LYS A 212 -34.79 22.97 3.78
CA LYS A 212 -34.84 22.88 5.23
C LYS A 212 -33.77 23.70 5.94
N PRO A 213 -32.50 23.71 5.51
CA PRO A 213 -31.48 24.48 6.25
C PRO A 213 -31.79 25.95 6.38
N SER A 214 -32.60 26.53 5.50
CA SER A 214 -33.03 27.91 5.62
C SER A 214 -34.51 28.04 5.99
N ASN A 215 -35.19 26.91 6.23
CA ASN A 215 -36.61 26.89 6.59
C ASN A 215 -37.44 27.69 5.59
N THR A 216 -37.13 27.56 4.31
CA THR A 216 -37.87 28.24 3.27
C THR A 216 -38.67 27.24 2.46
N LYS A 217 -39.90 27.62 2.11
CA LYS A 217 -40.73 26.88 1.17
C LYS A 217 -41.18 27.86 0.10
N VAL A 218 -41.04 27.48 -1.16
CA VAL A 218 -41.44 28.33 -2.28
C VAL A 218 -42.26 27.49 -3.25
N ASP A 219 -43.44 27.98 -3.59
CA ASP A 219 -44.29 27.41 -4.64
C ASP A 219 -44.26 28.36 -5.82
N LYS A 220 -43.81 27.88 -6.97
CA LYS A 220 -43.67 28.73 -8.15
C LYS A 220 -44.50 28.16 -9.27
N ARG A 221 -45.51 28.92 -9.68
CA ARG A 221 -46.34 28.55 -10.83
C ARG A 221 -45.58 28.84 -12.11
N VAL A 222 -45.54 27.86 -13.00
CA VAL A 222 -44.81 27.96 -14.26
C VAL A 222 -45.84 28.03 -15.38
N GLU A 223 -45.90 29.18 -16.06
CA GLU A 223 -46.89 29.51 -17.08
C GLU A 223 -46.23 29.77 -18.43
N PRO A 224 -46.94 29.50 -19.51
CA PRO A 224 -46.46 29.89 -20.86
C PRO A 224 -46.22 31.39 -20.97
N LYS A 225 -45.60 31.76 -22.10
CA LYS A 225 -45.15 33.13 -22.41
C LYS A 225 -44.37 33.74 -21.26
N GLU B 1 5.64 6.70 -13.88
CA GLU B 1 6.09 5.45 -14.44
C GLU B 1 5.21 4.26 -14.02
N LEU B 2 4.04 4.55 -13.46
CA LEU B 2 3.09 3.47 -13.13
C LEU B 2 1.67 3.98 -13.33
N THR B 3 1.07 3.57 -14.44
CA THR B 3 -0.33 3.84 -14.73
C THR B 3 -1.10 2.52 -14.74
N LEU B 4 -2.36 2.60 -14.32
CA LEU B 4 -3.34 1.55 -14.48
C LEU B 4 -4.39 2.07 -15.45
N THR B 5 -4.52 1.43 -16.59
CA THR B 5 -5.45 1.87 -17.63
C THR B 5 -6.60 0.87 -17.69
N GLN B 6 -7.79 1.31 -17.32
CA GLN B 6 -8.99 0.48 -17.43
C GLN B 6 -9.69 0.77 -18.75
N SER B 7 -10.19 -0.29 -19.39
CA SER B 7 -10.95 -0.15 -20.62
C SER B 7 -12.12 -1.13 -20.63
N PRO B 8 -13.25 -0.74 -21.26
CA PRO B 8 -13.47 0.63 -21.74
C PRO B 8 -13.85 1.52 -20.57
N ALA B 9 -13.93 2.83 -20.78
CA ALA B 9 -14.37 3.71 -19.71
C ALA B 9 -15.82 3.42 -19.34
N THR B 10 -16.64 3.09 -20.34
CA THR B 10 -18.04 2.74 -20.14
C THR B 10 -18.31 1.47 -20.91
N LEU B 11 -18.75 0.43 -20.20
CA LEU B 11 -19.08 -0.86 -20.78
C LEU B 11 -20.60 -0.98 -20.81
N SER B 12 -21.18 -0.99 -22.02
CA SER B 12 -22.62 -1.05 -22.17
C SER B 12 -23.02 -2.50 -22.47
N VAL B 13 -23.85 -3.07 -21.63
CA VAL B 13 -24.05 -4.52 -21.62
C VAL B 13 -25.47 -4.83 -21.18
N SER B 14 -25.99 -5.95 -21.66
CA SER B 14 -27.38 -6.33 -21.38
C SER B 14 -27.46 -7.26 -20.18
N PRO B 15 -28.52 -7.12 -19.38
CA PRO B 15 -28.73 -8.04 -18.25
C PRO B 15 -28.65 -9.50 -18.69
N GLY B 16 -28.01 -10.31 -17.85
CA GLY B 16 -27.84 -11.73 -18.09
C GLY B 16 -26.65 -12.11 -18.94
N GLU B 17 -26.01 -11.15 -19.59
CA GLU B 17 -24.84 -11.41 -20.41
C GLU B 17 -23.58 -11.46 -19.54
N ARG B 18 -22.50 -11.95 -20.14
CA ARG B 18 -21.20 -11.92 -19.49
C ARG B 18 -20.53 -10.59 -19.78
N ALA B 19 -19.97 -9.97 -18.75
CA ALA B 19 -19.23 -8.72 -18.90
C ALA B 19 -17.75 -8.97 -18.61
N THR B 20 -16.87 -8.39 -19.44
CA THR B 20 -15.42 -8.47 -19.25
C THR B 20 -14.85 -7.06 -19.15
N LEU B 21 -14.20 -6.77 -18.01
CA LEU B 21 -13.54 -5.50 -17.78
C LEU B 21 -12.04 -5.73 -17.70
N SER B 22 -11.25 -4.83 -18.27
CA SER B 22 -9.80 -5.03 -18.29
C SER B 22 -9.07 -3.89 -17.58
N CYS B 23 -7.91 -4.24 -17.05
CA CYS B 23 -7.00 -3.31 -16.38
C CYS B 23 -5.61 -3.64 -16.91
N ARG B 24 -4.91 -2.65 -17.44
CA ARG B 24 -3.54 -2.86 -17.93
C ARG B 24 -2.61 -1.98 -17.13
N ALA B 25 -1.62 -2.59 -16.49
CA ALA B 25 -0.58 -1.88 -15.76
C ALA B 25 0.58 -1.56 -16.71
N SER B 26 1.09 -0.33 -16.65
CA SER B 26 2.22 0.05 -17.49
C SER B 26 3.49 -0.72 -17.14
N GLN B 27 3.52 -1.44 -16.03
CA GLN B 27 4.65 -2.27 -15.64
C GLN B 27 4.12 -3.37 -14.72
N SER B 28 4.82 -4.51 -14.72
CA SER B 28 4.32 -5.68 -14.00
C SER B 28 4.03 -5.36 -12.53
N VAL B 29 2.87 -5.82 -12.04
CA VAL B 29 2.56 -5.74 -10.62
C VAL B 29 2.30 -7.12 -10.05
N SER B 30 2.82 -8.16 -10.72
CA SER B 30 2.72 -9.55 -10.28
C SER B 30 1.22 -9.86 -10.13
N SER B 31 0.80 -10.57 -9.09
CA SER B 31 -0.61 -10.79 -8.80
C SER B 31 -1.15 -9.84 -7.75
N ASN B 32 -0.41 -8.79 -7.39
CA ASN B 32 -0.83 -7.85 -6.35
C ASN B 32 -1.75 -6.79 -6.95
N LEU B 33 -2.97 -7.24 -7.29
CA LEU B 33 -3.96 -6.38 -7.93
C LEU B 33 -5.31 -6.67 -7.30
N ALA B 34 -6.05 -5.62 -6.96
CA ALA B 34 -7.36 -5.76 -6.35
C ALA B 34 -8.41 -5.08 -7.21
N TRP B 35 -9.64 -5.56 -7.11
CA TRP B 35 -10.79 -4.95 -7.77
C TRP B 35 -11.82 -4.52 -6.74
N TYR B 36 -12.36 -3.32 -6.93
CA TYR B 36 -13.36 -2.77 -6.05
C TYR B 36 -14.61 -2.43 -6.87
N GLN B 37 -15.76 -2.53 -6.23
CA GLN B 37 -17.04 -2.18 -6.83
C GLN B 37 -17.60 -1.00 -6.06
N GLN B 38 -18.12 -0.02 -6.77
CA GLN B 38 -18.81 1.10 -6.13
C GLN B 38 -20.20 1.18 -6.74
N LYS B 39 -21.20 0.80 -5.99
CA LYS B 39 -22.58 0.97 -6.40
C LYS B 39 -23.00 2.43 -6.21
N PRO B 40 -24.03 2.88 -6.93
CA PRO B 40 -24.42 4.29 -6.85
C PRO B 40 -24.75 4.71 -5.42
N GLY B 41 -24.22 5.85 -5.01
CA GLY B 41 -24.47 6.36 -3.68
C GLY B 41 -23.83 5.61 -2.53
N GLN B 42 -23.00 4.59 -2.81
CA GLN B 42 -22.42 3.78 -1.75
C GLN B 42 -20.89 3.89 -1.77
N ALA B 43 -20.29 3.47 -0.66
CA ALA B 43 -18.85 3.39 -0.59
C ALA B 43 -18.35 2.22 -1.45
N PRO B 44 -17.11 2.29 -1.93
CA PRO B 44 -16.53 1.13 -2.60
C PRO B 44 -16.46 -0.08 -1.69
N ARG B 45 -16.42 -1.26 -2.29
CA ARG B 45 -16.20 -2.50 -1.55
C ARG B 45 -15.25 -3.40 -2.33
N LEU B 46 -14.45 -4.17 -1.58
CA LEU B 46 -13.53 -5.12 -2.20
C LEU B 46 -14.31 -6.23 -2.91
N LEU B 47 -13.91 -6.55 -4.14
CA LEU B 47 -14.43 -7.72 -4.85
C LEU B 47 -13.42 -8.85 -4.94
N ILE B 48 -12.20 -8.54 -5.39
CA ILE B 48 -11.16 -9.49 -5.75
C ILE B 48 -9.85 -8.98 -5.16
N TYR B 49 -9.07 -9.85 -4.52
CA TYR B 49 -7.71 -9.46 -4.19
C TYR B 49 -6.74 -10.49 -4.78
N GLY B 50 -5.46 -10.14 -4.87
CA GLY B 50 -4.53 -11.13 -5.39
C GLY B 50 -4.81 -11.53 -6.82
N ALA B 51 -5.42 -10.64 -7.60
CA ALA B 51 -5.75 -10.76 -9.01
C ALA B 51 -6.93 -11.71 -9.24
N SER B 52 -7.03 -12.78 -8.45
CA SER B 52 -8.00 -13.83 -8.74
C SER B 52 -8.73 -14.40 -7.53
N THR B 53 -8.48 -13.92 -6.31
CA THR B 53 -9.18 -14.45 -5.14
C THR B 53 -10.39 -13.60 -4.82
N ARG B 54 -11.58 -14.21 -4.85
CA ARG B 54 -12.80 -13.49 -4.58
C ARG B 54 -12.93 -13.22 -3.09
N ALA B 55 -13.31 -12.00 -2.73
CA ALA B 55 -13.38 -11.65 -1.32
C ALA B 55 -14.58 -12.32 -0.66
N THR B 56 -14.51 -12.38 0.67
CA THR B 56 -15.54 -13.03 1.48
C THR B 56 -16.91 -12.46 1.18
N GLY B 57 -17.87 -13.35 0.93
CA GLY B 57 -19.24 -12.95 0.71
C GLY B 57 -19.56 -12.34 -0.63
N ILE B 58 -18.59 -12.22 -1.53
CA ILE B 58 -18.84 -11.66 -2.86
C ILE B 58 -19.50 -12.75 -3.70
N PRO B 59 -20.52 -12.43 -4.51
CA PRO B 59 -21.19 -13.48 -5.30
C PRO B 59 -20.24 -14.21 -6.23
N ALA B 60 -20.55 -15.49 -6.46
CA ALA B 60 -19.68 -16.35 -7.26
C ALA B 60 -19.58 -15.91 -8.71
N ARG B 61 -20.49 -15.06 -9.19
CA ARG B 61 -20.43 -14.67 -10.59
C ARG B 61 -19.28 -13.71 -10.87
N PHE B 62 -18.63 -13.18 -9.84
CA PHE B 62 -17.45 -12.35 -10.01
C PHE B 62 -16.20 -13.21 -9.98
N SER B 63 -15.33 -13.04 -10.97
CA SER B 63 -14.03 -13.69 -10.97
C SER B 63 -13.00 -12.75 -11.58
N GLY B 64 -11.76 -12.89 -11.13
CA GLY B 64 -10.65 -12.11 -11.66
C GLY B 64 -9.59 -13.04 -12.19
N SER B 65 -8.86 -12.57 -13.20
CA SER B 65 -7.78 -13.36 -13.77
C SER B 65 -6.68 -12.41 -14.22
N GLY B 66 -5.50 -12.99 -14.46
CA GLY B 66 -4.38 -12.22 -14.95
C GLY B 66 -3.20 -12.22 -13.98
N SER B 67 -2.03 -11.86 -14.48
CA SER B 67 -0.81 -11.74 -13.68
C SER B 67 0.24 -10.98 -14.47
N GLY B 68 0.90 -10.02 -13.85
CA GLY B 68 1.84 -9.20 -14.58
C GLY B 68 1.29 -7.83 -14.93
N THR B 69 0.78 -7.67 -16.15
CA THR B 69 0.29 -6.38 -16.64
C THR B 69 -1.15 -6.40 -17.15
N GLU B 70 -1.70 -7.56 -17.50
CA GLU B 70 -3.01 -7.61 -18.12
C GLU B 70 -3.96 -8.38 -17.22
N PHE B 71 -4.99 -7.70 -16.72
CA PHE B 71 -5.92 -8.26 -15.76
C PHE B 71 -7.34 -8.10 -16.27
N THR B 72 -8.19 -9.03 -15.86
CA THR B 72 -9.58 -9.06 -16.27
C THR B 72 -10.46 -9.29 -15.05
N LEU B 73 -11.55 -8.53 -14.98
CA LEU B 73 -12.66 -8.87 -14.10
C LEU B 73 -13.81 -9.36 -14.99
N THR B 74 -14.33 -10.54 -14.68
CA THR B 74 -15.41 -11.13 -15.44
C THR B 74 -16.63 -11.26 -14.55
N ILE B 75 -17.78 -10.84 -15.06
CA ILE B 75 -19.07 -11.09 -14.42
C ILE B 75 -19.83 -12.04 -15.33
N SER B 76 -20.12 -13.24 -14.83
CA SER B 76 -20.52 -14.33 -15.70
C SER B 76 -21.92 -14.12 -16.25
N SER B 77 -22.83 -13.54 -15.46
CA SER B 77 -24.15 -13.16 -15.96
C SER B 77 -24.64 -11.99 -15.13
N LEU B 78 -24.76 -10.84 -15.79
CA LEU B 78 -25.01 -9.59 -15.08
C LEU B 78 -26.39 -9.58 -14.46
N GLN B 79 -26.45 -9.20 -13.18
CA GLN B 79 -27.68 -8.94 -12.48
C GLN B 79 -27.84 -7.43 -12.32
N SER B 80 -29.06 -7.01 -11.94
CA SER B 80 -29.35 -5.58 -11.86
C SER B 80 -28.43 -4.84 -10.90
N GLU B 81 -27.98 -5.50 -9.83
CA GLU B 81 -27.12 -4.81 -8.89
C GLU B 81 -25.69 -4.65 -9.37
N ASP B 82 -25.31 -5.32 -10.48
CA ASP B 82 -23.95 -5.25 -10.99
C ASP B 82 -23.68 -4.00 -11.83
N PHE B 83 -24.71 -3.25 -12.22
CA PHE B 83 -24.50 -2.03 -12.98
C PHE B 83 -24.03 -0.96 -11.99
N ALA B 84 -22.74 -0.66 -12.05
CA ALA B 84 -22.00 0.07 -11.03
C ALA B 84 -20.66 0.48 -11.64
N VAL B 85 -19.81 1.15 -10.85
CA VAL B 85 -18.46 1.47 -11.27
C VAL B 85 -17.50 0.47 -10.61
N TYR B 86 -16.50 0.02 -11.37
CA TYR B 86 -15.48 -0.91 -10.89
C TYR B 86 -14.10 -0.27 -11.03
N TYR B 87 -13.29 -0.41 -9.99
CA TYR B 87 -11.94 0.15 -9.94
C TYR B 87 -10.93 -0.97 -9.72
N CYS B 88 -9.83 -0.93 -10.47
CA CYS B 88 -8.70 -1.79 -10.18
C CYS B 88 -7.68 -1.03 -9.34
N GLN B 89 -6.84 -1.79 -8.63
CA GLN B 89 -5.84 -1.16 -7.78
C GLN B 89 -4.61 -2.05 -7.65
N GLN B 90 -3.45 -1.40 -7.76
CA GLN B 90 -2.13 -2.02 -7.75
C GLN B 90 -1.54 -1.91 -6.34
N TYR B 91 -1.08 -3.01 -5.77
CA TYR B 91 -0.36 -2.87 -4.48
C TYR B 91 0.96 -3.61 -4.50
N ASN B 92 1.64 -3.58 -5.64
CA ASN B 92 2.93 -4.23 -5.80
C ASN B 92 4.11 -3.28 -5.65
N ASN B 93 3.98 -2.06 -6.17
CA ASN B 93 5.12 -1.16 -6.35
C ASN B 93 4.80 0.17 -5.69
N TRP B 94 5.84 0.84 -5.21
CA TRP B 94 5.58 2.16 -4.65
C TRP B 94 5.66 3.22 -5.75
N PRO B 95 4.84 4.28 -5.73
CA PRO B 95 3.81 4.47 -4.69
C PRO B 95 2.64 3.52 -4.89
N PRO B 96 2.35 2.74 -3.86
CA PRO B 96 1.31 1.71 -3.98
C PRO B 96 -0.07 2.36 -3.99
N TYR B 97 -1.06 1.50 -4.22
CA TYR B 97 -2.46 1.85 -4.14
C TYR B 97 -2.88 2.79 -5.26
N THR B 98 -2.15 2.77 -6.38
CA THR B 98 -2.64 3.35 -7.62
C THR B 98 -4.00 2.79 -7.95
N PHE B 99 -4.96 3.66 -8.25
CA PHE B 99 -6.27 3.22 -8.70
C PHE B 99 -6.39 3.46 -10.20
N GLY B 100 -7.03 2.52 -10.89
CA GLY B 100 -7.52 2.79 -12.22
C GLY B 100 -8.55 3.90 -12.21
N GLN B 101 -8.85 4.41 -13.39
CA GLN B 101 -9.78 5.54 -13.45
C GLN B 101 -11.24 5.09 -13.40
N GLY B 102 -11.50 3.80 -13.42
CA GLY B 102 -12.86 3.30 -13.28
C GLY B 102 -13.50 2.90 -14.60
N THR B 103 -14.29 1.83 -14.56
CA THR B 103 -15.12 1.42 -15.69
C THR B 103 -16.56 1.40 -15.19
N LYS B 104 -17.41 2.19 -15.83
CA LYS B 104 -18.84 2.20 -15.55
C LYS B 104 -19.52 1.10 -16.37
N VAL B 105 -20.25 0.23 -15.70
CA VAL B 105 -21.05 -0.80 -16.37
C VAL B 105 -22.49 -0.30 -16.37
N GLU B 106 -23.05 -0.10 -17.56
CA GLU B 106 -24.36 0.51 -17.75
C GLU B 106 -25.22 -0.40 -18.62
N ILE B 107 -26.53 -0.16 -18.59
CA ILE B 107 -27.49 -0.99 -19.31
C ILE B 107 -27.53 -0.57 -20.77
N LYS B 108 -27.38 -1.56 -21.65
CA LYS B 108 -27.42 -1.33 -23.09
C LYS B 108 -28.86 -1.23 -23.58
N ARG B 109 -29.10 -0.27 -24.47
CA ARG B 109 -30.41 -0.08 -25.07
C ARG B 109 -30.19 0.56 -26.43
N THR B 110 -31.23 0.54 -27.26
CA THR B 110 -31.11 1.15 -28.58
C THR B 110 -30.86 2.65 -28.44
N VAL B 111 -30.17 3.20 -29.43
CA VAL B 111 -29.87 4.62 -29.46
C VAL B 111 -31.17 5.42 -29.46
N ALA B 112 -31.24 6.44 -28.62
CA ALA B 112 -32.40 7.32 -28.53
C ALA B 112 -31.92 8.76 -28.63
N ALA B 113 -32.48 9.52 -29.56
CA ALA B 113 -32.08 10.91 -29.75
C ALA B 113 -32.67 11.77 -28.64
N PRO B 114 -31.94 12.80 -28.19
CA PRO B 114 -32.51 13.70 -27.19
C PRO B 114 -33.62 14.55 -27.78
N SER B 115 -34.65 14.80 -26.98
CA SER B 115 -35.58 15.90 -27.25
C SER B 115 -34.96 17.16 -26.64
N VAL B 116 -34.75 18.19 -27.47
CA VAL B 116 -33.96 19.35 -27.06
C VAL B 116 -34.89 20.53 -26.85
N PHE B 117 -34.69 21.25 -25.75
CA PHE B 117 -35.47 22.45 -25.45
C PHE B 117 -34.52 23.54 -24.96
N ILE B 118 -34.84 24.79 -25.26
CA ILE B 118 -34.10 25.92 -24.73
C ILE B 118 -35.06 26.82 -23.96
N PHE B 119 -34.59 27.37 -22.84
CA PHE B 119 -35.40 28.22 -21.97
C PHE B 119 -34.66 29.54 -21.77
N PRO B 120 -35.23 30.66 -22.18
CA PRO B 120 -34.63 31.98 -21.91
C PRO B 120 -34.75 32.34 -20.44
N PRO B 121 -34.00 33.31 -19.96
CA PRO B 121 -34.15 33.73 -18.56
C PRO B 121 -35.48 34.42 -18.33
N SER B 122 -36.00 34.24 -17.11
CA SER B 122 -37.24 34.86 -16.71
C SER B 122 -37.02 36.35 -16.39
N ASP B 123 -38.10 37.12 -16.55
CA ASP B 123 -38.09 38.51 -16.10
C ASP B 123 -37.67 38.60 -14.65
N GLU B 124 -38.17 37.70 -13.81
CA GLU B 124 -37.84 37.74 -12.39
C GLU B 124 -36.36 37.56 -12.17
N GLN B 125 -35.70 36.68 -12.96
CA GLN B 125 -34.25 36.55 -12.77
C GLN B 125 -33.52 37.76 -13.30
N LEU B 126 -33.94 38.28 -14.45
CA LEU B 126 -33.29 39.46 -15.01
C LEU B 126 -33.34 40.64 -14.04
N LYS B 127 -34.45 40.80 -13.31
CA LYS B 127 -34.53 41.88 -12.34
C LYS B 127 -33.72 41.60 -11.10
N SER B 128 -33.10 40.43 -10.99
CA SER B 128 -32.12 40.16 -9.95
C SER B 128 -30.71 40.45 -10.42
N GLY B 129 -30.52 40.83 -11.68
CA GLY B 129 -29.20 41.22 -12.17
C GLY B 129 -28.38 40.13 -12.85
N THR B 130 -28.97 38.95 -13.10
CA THR B 130 -28.28 37.85 -13.74
C THR B 130 -29.22 37.17 -14.73
N ALA B 131 -28.65 36.39 -15.65
CA ALA B 131 -29.43 35.74 -16.69
C ALA B 131 -28.91 34.34 -16.90
N SER B 132 -29.77 33.34 -16.68
CA SER B 132 -29.44 31.95 -16.91
C SER B 132 -30.26 31.44 -18.09
N VAL B 133 -29.57 30.91 -19.11
CA VAL B 133 -30.20 30.25 -20.25
C VAL B 133 -30.00 28.75 -20.09
N VAL B 134 -31.08 27.99 -20.16
CA VAL B 134 -31.04 26.56 -19.88
C VAL B 134 -31.35 25.81 -21.16
N CYS B 135 -30.54 24.80 -21.45
CA CYS B 135 -30.72 23.91 -22.57
C CYS B 135 -30.93 22.50 -22.04
N LEU B 136 -32.04 21.87 -22.40
CA LEU B 136 -32.43 20.57 -21.86
C LEU B 136 -32.37 19.52 -22.96
N LEU B 137 -31.67 18.44 -22.68
CA LEU B 137 -31.64 17.26 -23.54
C LEU B 137 -32.36 16.16 -22.78
N ASN B 138 -33.51 15.73 -23.26
CA ASN B 138 -34.37 14.83 -22.51
C ASN B 138 -34.36 13.43 -23.12
N ASN B 139 -34.08 12.42 -22.28
CA ASN B 139 -34.34 11.00 -22.55
C ASN B 139 -33.58 10.51 -23.79
N PHE B 140 -32.26 10.51 -23.69
CA PHE B 140 -31.43 10.07 -24.79
C PHE B 140 -30.54 8.93 -24.34
N TYR B 141 -29.93 8.27 -25.33
CA TYR B 141 -29.02 7.16 -25.12
C TYR B 141 -28.24 6.97 -26.41
N PRO B 142 -26.91 6.79 -26.36
CA PRO B 142 -26.10 6.72 -25.14
C PRO B 142 -25.79 8.07 -24.52
N ARG B 143 -24.95 8.03 -23.48
CA ARG B 143 -24.70 9.19 -22.64
C ARG B 143 -23.92 10.28 -23.37
N GLU B 144 -23.01 9.90 -24.26
CA GLU B 144 -22.17 10.86 -24.94
C GLU B 144 -23.01 11.86 -25.71
N ALA B 145 -22.85 13.13 -25.39
CA ALA B 145 -23.52 14.17 -26.14
C ALA B 145 -22.67 15.43 -26.04
N LYS B 146 -22.75 16.25 -27.08
CA LYS B 146 -21.99 17.49 -27.16
C LYS B 146 -22.99 18.63 -27.19
N VAL B 147 -22.89 19.55 -26.23
CA VAL B 147 -23.74 20.72 -26.15
C VAL B 147 -22.86 21.96 -26.21
N GLN B 148 -23.06 22.79 -27.23
CA GLN B 148 -22.27 24.00 -27.42
C GLN B 148 -23.19 25.22 -27.43
N TRP B 149 -22.83 26.23 -26.65
CA TRP B 149 -23.59 27.46 -26.59
C TRP B 149 -23.02 28.45 -27.60
N LYS B 150 -23.90 29.07 -28.37
CA LYS B 150 -23.51 30.13 -29.29
C LYS B 150 -24.30 31.39 -28.95
N VAL B 151 -23.59 32.47 -28.73
CA VAL B 151 -24.19 33.77 -28.46
C VAL B 151 -23.86 34.64 -29.66
N ASP B 152 -24.91 35.11 -30.35
CA ASP B 152 -24.89 35.37 -31.80
C ASP B 152 -23.67 34.78 -32.50
N ASN B 153 -23.68 33.45 -32.62
CA ASN B 153 -22.76 32.65 -33.40
C ASN B 153 -21.37 32.52 -32.77
N ALA B 154 -21.11 33.25 -31.71
CA ALA B 154 -19.82 33.12 -31.02
C ALA B 154 -19.89 31.97 -30.02
N LEU B 155 -19.01 30.99 -30.19
CA LEU B 155 -19.00 29.84 -29.29
C LEU B 155 -18.55 30.27 -27.90
N GLN B 156 -19.27 29.80 -26.87
CA GLN B 156 -19.02 30.20 -25.50
C GLN B 156 -18.19 29.15 -24.78
N SER B 157 -17.27 29.61 -23.93
CA SER B 157 -16.56 28.70 -23.04
C SER B 157 -16.35 29.35 -21.68
N GLY B 158 -16.45 28.54 -20.63
CA GLY B 158 -16.19 28.99 -19.28
C GLY B 158 -17.38 29.54 -18.52
N ASN B 159 -18.48 29.83 -19.19
CA ASN B 159 -19.64 30.41 -18.52
C ASN B 159 -20.84 29.47 -18.51
N SER B 160 -20.59 28.17 -18.62
CA SER B 160 -21.64 27.17 -18.71
C SER B 160 -21.30 25.97 -17.83
N GLN B 161 -22.32 25.28 -17.32
CA GLN B 161 -22.17 24.02 -16.58
C GLN B 161 -23.25 23.02 -16.97
N GLU B 162 -22.86 21.75 -17.06
CA GLU B 162 -23.76 20.65 -17.38
C GLU B 162 -24.06 19.80 -16.15
N SER B 163 -25.24 19.19 -16.15
CA SER B 163 -25.64 18.27 -15.09
C SER B 163 -26.44 17.15 -15.76
N VAL B 164 -26.19 15.91 -15.35
CA VAL B 164 -26.76 14.75 -16.00
C VAL B 164 -27.46 13.87 -14.97
N THR B 165 -28.57 13.26 -15.36
CA THR B 165 -29.21 12.33 -14.45
C THR B 165 -28.50 10.97 -14.54
N GLU B 166 -28.84 10.10 -13.60
CA GLU B 166 -28.43 8.71 -13.73
C GLU B 166 -29.34 8.03 -14.76
N GLN B 167 -28.84 6.92 -15.29
CA GLN B 167 -29.62 6.13 -16.24
C GLN B 167 -30.98 5.77 -15.64
N ASP B 168 -32.03 6.06 -16.38
CA ASP B 168 -33.36 6.04 -15.80
C ASP B 168 -33.83 4.62 -15.53
N SER B 169 -34.55 4.45 -14.40
CA SER B 169 -34.91 3.12 -13.92
C SER B 169 -35.77 2.36 -14.91
N LYS B 170 -36.67 3.05 -15.60
CA LYS B 170 -37.64 2.40 -16.48
C LYS B 170 -37.17 2.32 -17.93
N ASP B 171 -36.76 3.44 -18.55
CA ASP B 171 -36.42 3.41 -19.96
C ASP B 171 -34.92 3.44 -20.25
N SER B 172 -34.07 3.46 -19.22
CA SER B 172 -32.62 3.35 -19.38
C SER B 172 -32.00 4.50 -20.15
N THR B 173 -32.64 5.68 -20.17
CA THR B 173 -32.07 6.82 -20.87
C THR B 173 -31.41 7.77 -19.87
N TYR B 174 -30.75 8.77 -20.43
CA TYR B 174 -30.21 9.90 -19.68
C TYR B 174 -30.97 11.16 -20.05
N SER B 175 -30.89 12.15 -19.18
CA SER B 175 -31.27 13.52 -19.51
C SER B 175 -30.15 14.44 -19.05
N LEU B 176 -30.09 15.62 -19.64
CA LEU B 176 -28.97 16.52 -19.40
C LEU B 176 -29.45 17.95 -19.42
N SER B 177 -28.92 18.76 -18.50
CA SER B 177 -29.14 20.20 -18.54
C SER B 177 -27.81 20.90 -18.69
N SER B 178 -27.79 21.93 -19.52
CA SER B 178 -26.67 22.86 -19.67
C SER B 178 -27.18 24.25 -19.35
N THR B 179 -26.50 24.94 -18.44
CA THR B 179 -26.95 26.25 -17.98
C THR B 179 -25.85 27.27 -18.30
N LEU B 180 -26.19 28.25 -19.13
CA LEU B 180 -25.33 29.38 -19.43
C LEU B 180 -25.72 30.54 -18.52
N THR B 181 -24.77 31.08 -17.77
CA THR B 181 -25.05 32.17 -16.84
C THR B 181 -24.23 33.40 -17.20
N LEU B 182 -24.92 34.53 -17.33
CA LEU B 182 -24.33 35.82 -17.65
C LEU B 182 -24.89 36.87 -16.70
N SER B 183 -24.13 37.95 -16.54
CA SER B 183 -24.68 39.14 -15.91
C SER B 183 -25.81 39.70 -16.77
N LYS B 184 -26.69 40.46 -16.13
CA LYS B 184 -27.77 41.08 -16.88
C LYS B 184 -27.23 41.98 -17.99
N ALA B 185 -26.21 42.79 -17.67
CA ALA B 185 -25.60 43.68 -18.65
C ALA B 185 -25.04 42.90 -19.85
N ASP B 186 -24.31 41.80 -19.58
CA ASP B 186 -23.77 40.99 -20.67
C ASP B 186 -24.88 40.35 -21.50
N TYR B 187 -25.92 39.83 -20.83
CA TYR B 187 -27.08 39.29 -21.54
C TYR B 187 -27.64 40.30 -22.53
N GLU B 188 -27.71 41.56 -22.13
CA GLU B 188 -28.41 42.56 -22.93
C GLU B 188 -27.57 43.14 -24.06
N LYS B 189 -26.29 42.78 -24.18
CA LYS B 189 -25.52 43.26 -25.33
C LYS B 189 -25.43 42.22 -26.46
N HIS B 190 -26.29 41.22 -26.45
CA HIS B 190 -26.31 40.21 -27.52
C HIS B 190 -27.74 39.87 -27.86
N LYS B 191 -27.94 39.43 -29.11
CA LYS B 191 -29.30 39.18 -29.59
C LYS B 191 -29.66 37.69 -29.63
N VAL B 192 -28.84 36.85 -30.25
CA VAL B 192 -29.21 35.45 -30.53
C VAL B 192 -28.50 34.52 -29.56
N TYR B 193 -29.30 33.73 -28.83
CA TYR B 193 -28.82 32.73 -27.90
C TYR B 193 -29.20 31.35 -28.44
N ALA B 194 -28.21 30.48 -28.61
CA ALA B 194 -28.47 29.20 -29.27
C ALA B 194 -27.73 28.08 -28.57
N CYS B 195 -28.41 26.93 -28.47
CA CYS B 195 -27.85 25.67 -27.97
C CYS B 195 -27.76 24.70 -29.15
N GLU B 196 -26.56 24.17 -29.42
CA GLU B 196 -26.36 23.22 -30.52
C GLU B 196 -25.94 21.86 -29.99
N VAL B 197 -26.69 20.81 -30.35
CA VAL B 197 -26.55 19.49 -29.74
C VAL B 197 -26.12 18.48 -30.80
N THR B 198 -25.01 17.78 -30.53
CA THR B 198 -24.56 16.65 -31.35
C THR B 198 -24.77 15.35 -30.59
N HIS B 199 -25.37 14.36 -31.26
CA HIS B 199 -25.63 13.07 -30.63
C HIS B 199 -25.81 12.01 -31.72
N GLN B 200 -25.37 10.78 -31.41
CA GLN B 200 -25.47 9.67 -32.37
C GLN B 200 -26.88 9.47 -32.88
N GLY B 201 -27.89 9.72 -32.05
CA GLY B 201 -29.27 9.56 -32.49
C GLY B 201 -29.76 10.59 -33.46
N LEU B 202 -28.97 11.63 -33.73
CA LEU B 202 -29.37 12.72 -34.63
C LEU B 202 -28.62 12.62 -35.95
N SER B 203 -29.36 12.62 -37.06
CA SER B 203 -28.69 12.57 -38.36
C SER B 203 -27.82 13.80 -38.57
N SER B 204 -28.17 14.93 -37.95
CA SER B 204 -27.39 16.16 -38.02
C SER B 204 -27.56 16.91 -36.72
N PRO B 205 -26.61 17.77 -36.34
CA PRO B 205 -26.76 18.53 -35.09
C PRO B 205 -28.04 19.35 -35.06
N VAL B 206 -28.61 19.48 -33.88
CA VAL B 206 -29.86 20.20 -33.67
C VAL B 206 -29.56 21.48 -32.93
N THR B 207 -30.08 22.60 -33.43
CA THR B 207 -29.92 23.89 -32.77
C THR B 207 -31.29 24.41 -32.31
N LYS B 208 -31.38 24.79 -31.04
CA LYS B 208 -32.52 25.47 -30.50
C LYS B 208 -32.09 26.88 -30.11
N SER B 209 -32.89 27.87 -30.45
CA SER B 209 -32.45 29.26 -30.28
C SER B 209 -33.64 30.17 -30.03
N PHE B 210 -33.32 31.37 -29.54
CA PHE B 210 -34.29 32.44 -29.37
C PHE B 210 -33.56 33.77 -29.55
N ASN B 211 -34.33 34.84 -29.75
CA ASN B 211 -33.82 36.20 -29.82
C ASN B 211 -34.19 36.93 -28.53
N ARG B 212 -33.22 37.61 -27.93
CA ARG B 212 -33.49 38.30 -26.66
C ARG B 212 -34.67 39.26 -26.82
N GLY B 213 -35.74 39.00 -26.08
CA GLY B 213 -36.89 39.89 -26.06
C GLY B 213 -37.89 39.76 -27.19
N GLU B 214 -38.01 38.59 -27.81
CA GLU B 214 -38.90 38.40 -28.96
C GLU B 214 -39.61 37.07 -28.87
N CYS B 215 -40.95 37.10 -28.92
CA CYS B 215 -41.79 35.92 -29.17
C CYS B 215 -43.27 36.32 -29.21
N GLY C 3 20.32 -14.00 25.20
CA GLY C 3 19.23 -14.96 25.15
C GLY C 3 19.08 -15.58 23.77
N PRO C 4 18.28 -16.63 23.65
CA PRO C 4 18.19 -17.36 22.38
C PRO C 4 17.27 -16.67 21.38
N ILE C 5 17.45 -17.03 20.11
CA ILE C 5 16.52 -16.52 19.10
C ILE C 5 15.15 -17.17 19.27
N ILE C 6 15.12 -18.47 19.45
CA ILE C 6 13.87 -19.23 19.63
C ILE C 6 13.99 -20.16 20.83
N CYS C 7 15.05 -20.97 20.87
CA CYS C 7 15.12 -22.19 21.68
C CYS C 7 16.14 -22.04 22.79
N ALA C 8 15.73 -22.34 24.02
CA ALA C 8 16.66 -22.37 25.15
C ALA C 8 17.67 -23.50 24.98
N GLY C 9 18.77 -23.38 25.72
CA GLY C 9 19.92 -24.23 25.53
C GLY C 9 19.57 -25.68 25.72
N PRO C 10 20.21 -26.56 24.96
CA PRO C 10 19.84 -27.97 25.02
C PRO C 10 20.29 -28.62 26.31
N ILE C 11 19.50 -29.56 26.80
CA ILE C 11 19.99 -30.54 27.77
C ILE C 11 19.96 -31.91 27.13
N HIS C 12 21.01 -32.27 26.40
CA HIS C 12 21.10 -33.56 25.72
C HIS C 12 21.27 -34.69 26.73
N SER C 13 20.71 -35.85 26.41
CA SER C 13 20.86 -36.97 27.33
C SER C 13 21.91 -37.99 26.89
N ASN C 14 22.31 -38.01 25.62
CA ASN C 14 23.34 -38.96 25.21
C ASN C 14 24.08 -38.43 24.00
N LYS C 15 25.29 -38.94 23.81
CA LYS C 15 26.17 -38.44 22.77
C LYS C 15 25.91 -39.07 21.40
N SER C 16 25.04 -40.09 21.31
CA SER C 16 24.85 -40.82 20.05
C SER C 16 23.66 -40.33 19.24
N ALA C 17 22.88 -39.40 19.75
CA ALA C 17 21.66 -38.99 19.06
C ALA C 17 22.01 -38.37 17.71
N ASP C 18 21.17 -38.64 16.73
CA ASP C 18 21.48 -38.17 15.39
C ASP C 18 21.08 -36.72 15.22
N ILE C 19 21.70 -36.06 14.24
CA ILE C 19 21.43 -34.67 13.93
C ILE C 19 20.68 -34.63 12.61
N PRO C 20 19.37 -34.38 12.63
CA PRO C 20 18.60 -34.38 11.39
C PRO C 20 18.85 -33.11 10.58
N HIS C 21 18.75 -33.26 9.26
CA HIS C 21 18.67 -32.08 8.42
C HIS C 21 17.25 -31.54 8.42
N LEU C 22 17.11 -30.26 8.75
CA LEU C 22 15.80 -29.62 8.82
C LEU C 22 15.71 -28.57 7.71
N LEU C 23 14.57 -28.58 7.01
CA LEU C 23 14.36 -27.69 5.87
C LEU C 23 13.86 -26.31 6.26
N GLY C 24 13.12 -26.17 7.37
CA GLY C 24 12.55 -24.87 7.70
C GLY C 24 13.61 -23.91 8.22
N TYR C 25 13.44 -22.63 7.89
CA TYR C 25 14.35 -21.60 8.40
C TYR C 25 14.33 -21.53 9.92
N SER C 26 13.12 -21.45 10.51
CA SER C 26 13.04 -21.38 11.97
C SER C 26 13.54 -22.66 12.63
N GLU C 27 13.34 -23.81 11.97
CA GLU C 27 13.94 -25.04 12.48
C GLU C 27 15.46 -24.96 12.49
N LYS C 28 16.05 -24.44 11.42
CA LYS C 28 17.49 -24.24 11.40
C LYS C 28 17.95 -23.28 12.48
N ILE C 29 17.20 -22.19 12.67
CA ILE C 29 17.55 -21.20 13.68
C ILE C 29 17.61 -21.86 15.06
N CYS C 30 16.63 -22.72 15.35
CA CYS C 30 16.59 -23.41 16.63
C CYS C 30 17.79 -24.33 16.81
N GLN C 31 18.21 -25.04 15.75
CA GLN C 31 19.45 -25.83 15.84
C GLN C 31 20.64 -24.91 16.12
N ILE C 32 20.66 -23.74 15.49
CA ILE C 32 21.76 -22.79 15.70
C ILE C 32 21.79 -22.33 17.15
N ASP C 33 20.62 -21.91 17.68
CA ASP C 33 20.51 -21.56 19.10
C ASP C 33 21.10 -22.62 20.01
N ARG C 34 21.01 -23.89 19.61
CA ARG C 34 21.42 -25.00 20.45
C ARG C 34 22.82 -25.51 20.11
N LEU C 35 23.55 -24.81 19.25
CA LEU C 35 24.90 -25.19 18.83
C LEU C 35 24.94 -26.57 18.20
N ILE C 36 23.80 -27.03 17.68
CA ILE C 36 23.77 -28.30 16.97
C ILE C 36 24.60 -28.21 15.69
N HIS C 37 24.73 -27.01 15.11
CA HIS C 37 25.53 -26.87 13.90
C HIS C 37 27.03 -27.04 14.19
N VAL C 38 27.52 -26.48 15.29
CA VAL C 38 28.92 -26.69 15.66
C VAL C 38 29.16 -28.15 16.04
N SER C 39 28.18 -28.76 16.69
CA SER C 39 28.25 -30.17 17.02
C SER C 39 28.39 -31.00 15.75
N SER C 40 27.55 -30.70 14.75
CA SER C 40 27.59 -31.38 13.46
C SER C 40 28.93 -31.17 12.77
N TRP C 41 29.48 -29.96 12.85
CA TRP C 41 30.78 -29.68 12.24
C TRP C 41 31.86 -30.58 12.85
N LEU C 42 31.86 -30.68 14.18
CA LEU C 42 32.85 -31.47 14.91
C LEU C 42 32.74 -32.95 14.57
N ARG C 43 31.50 -33.45 14.58
CA ARG C 43 31.28 -34.83 14.14
C ARG C 43 31.78 -35.08 12.70
N ASN C 44 31.43 -34.21 11.71
CA ASN C 44 31.84 -34.43 10.30
C ASN C 44 33.37 -34.43 10.18
N HIS C 45 34.03 -33.47 10.84
CA HIS C 45 35.42 -33.15 10.50
C HIS C 45 36.43 -33.74 11.48
N SER C 46 36.05 -33.98 12.72
CA SER C 46 36.99 -34.49 13.71
C SER C 46 36.54 -35.83 14.27
N GLN C 47 35.46 -36.42 13.77
CA GLN C 47 34.87 -37.63 14.33
C GLN C 47 34.61 -37.51 15.83
N PHE C 48 34.49 -36.26 16.31
CA PHE C 48 33.94 -35.98 17.63
C PHE C 48 32.64 -36.75 17.83
N GLN C 49 32.42 -37.22 19.06
CA GLN C 49 31.15 -37.84 19.44
C GLN C 49 30.37 -36.92 20.37
N GLY C 50 29.12 -36.65 20.03
CA GLY C 50 28.26 -35.92 20.94
C GLY C 50 28.00 -34.49 20.53
N TYR C 51 28.04 -33.60 21.52
CA TYR C 51 27.53 -32.24 21.34
C TYR C 51 28.39 -31.26 22.12
N VAL C 52 28.45 -30.03 21.60
CA VAL C 52 28.87 -28.87 22.36
C VAL C 52 27.63 -28.01 22.62
N GLY C 53 27.71 -27.20 23.68
CA GLY C 53 26.63 -26.31 24.02
C GLY C 53 25.63 -26.86 25.01
N GLN C 54 25.96 -27.96 25.68
CA GLN C 54 25.10 -28.52 26.72
C GLN C 54 24.76 -27.46 27.76
N ARG C 55 23.46 -27.29 28.01
CA ARG C 55 22.86 -26.33 28.93
C ARG C 55 22.97 -24.88 28.45
N GLY C 56 24.16 -24.45 28.01
CA GLY C 56 24.36 -23.04 27.68
C GLY C 56 23.85 -22.59 26.32
N GLY C 57 23.94 -23.44 25.32
CA GLY C 57 23.52 -23.04 23.99
C GLY C 57 24.43 -21.97 23.40
N ARG C 58 23.94 -21.39 22.31
CA ARG C 58 24.74 -20.45 21.54
C ARG C 58 25.07 -19.20 22.34
N SER C 59 24.17 -18.77 23.23
CA SER C 59 24.43 -17.50 23.90
C SER C 59 25.61 -17.56 24.86
N GLN C 60 26.09 -18.76 25.23
CA GLN C 60 27.19 -18.91 26.18
C GLN C 60 28.51 -19.26 25.51
N VAL C 61 28.59 -19.13 24.19
CA VAL C 61 29.83 -19.32 23.46
C VAL C 61 30.90 -18.33 23.95
N SER C 62 32.16 -18.75 23.91
CA SER C 62 33.29 -17.84 24.19
C SER C 62 33.67 -17.07 22.94
N TYR C 63 33.99 -15.78 23.10
CA TYR C 63 34.40 -14.91 22.00
C TYR C 63 35.78 -14.35 22.25
N TYR C 64 36.51 -14.07 21.18
CA TYR C 64 37.72 -13.27 21.29
C TYR C 64 37.66 -12.14 20.26
N PRO C 65 37.69 -10.86 20.69
CA PRO C 65 37.81 -10.44 22.10
C PRO C 65 36.55 -10.71 22.94
N ALA C 66 36.69 -10.78 24.26
CA ALA C 66 35.55 -11.12 25.09
C ALA C 66 34.52 -10.00 25.11
N GLU C 67 34.96 -8.75 25.12
CA GLU C 67 33.99 -7.66 24.96
C GLU C 67 33.64 -7.64 23.48
N ASN C 68 32.45 -8.15 23.15
CA ASN C 68 32.07 -8.50 21.79
C ASN C 68 30.72 -7.83 21.51
N SER C 69 30.73 -6.82 20.64
CA SER C 69 29.53 -6.03 20.37
C SER C 69 28.40 -6.87 19.77
N TYR C 70 28.67 -7.51 18.62
CA TYR C 70 27.58 -8.14 17.89
C TYR C 70 27.02 -9.36 18.61
N SER C 71 27.79 -9.99 19.52
CA SER C 71 27.24 -11.13 20.26
C SER C 71 26.10 -10.71 21.19
N ARG C 72 25.96 -9.42 21.45
CA ARG C 72 24.88 -8.91 22.29
C ARG C 72 23.53 -9.03 21.62
N TRP C 73 23.53 -9.13 20.28
CA TRP C 73 22.32 -9.21 19.46
C TRP C 73 22.17 -10.66 19.00
N SER C 74 21.26 -11.39 19.64
CA SER C 74 21.16 -12.82 19.34
C SER C 74 20.86 -13.06 17.87
N GLY C 75 20.25 -12.08 17.19
CA GLY C 75 19.87 -12.29 15.82
C GLY C 75 20.94 -12.03 14.79
N LEU C 76 22.10 -11.54 15.20
CA LEU C 76 23.22 -11.40 14.28
C LEU C 76 23.92 -12.74 14.13
N LEU C 77 24.25 -13.09 12.89
CA LEU C 77 24.77 -14.42 12.58
C LEU C 77 26.29 -14.44 12.62
N SER C 78 26.85 -15.46 13.26
CA SER C 78 28.28 -15.71 13.20
C SER C 78 28.60 -16.53 11.95
N PRO C 79 29.87 -16.64 11.57
CA PRO C 79 30.24 -17.50 10.44
C PRO C 79 29.70 -18.92 10.55
N CYS C 80 29.81 -19.55 11.73
CA CYS C 80 29.23 -20.88 11.92
C CYS C 80 27.73 -20.87 11.67
N ASP C 81 27.02 -19.87 12.21
CA ASP C 81 25.59 -19.74 11.97
C ASP C 81 25.30 -19.67 10.47
N ALA C 82 26.03 -18.80 9.76
CA ALA C 82 25.79 -18.60 8.34
C ALA C 82 26.10 -19.85 7.54
N ASP C 83 27.12 -20.60 7.96
CA ASP C 83 27.45 -21.88 7.33
C ASP C 83 26.25 -22.81 7.40
N TRP C 84 25.62 -22.91 8.57
CA TRP C 84 24.50 -23.84 8.72
C TRP C 84 23.35 -23.45 7.81
N LEU C 85 23.19 -22.16 7.56
CA LEU C 85 22.17 -21.61 6.67
C LEU C 85 22.60 -21.64 5.22
N GLY C 86 23.77 -22.22 4.91
CA GLY C 86 24.20 -22.38 3.52
C GLY C 86 24.77 -21.13 2.90
N MET C 87 25.13 -20.12 3.69
CA MET C 87 25.57 -18.84 3.14
C MET C 87 27.06 -18.81 2.84
N LEU C 88 27.84 -19.62 3.54
CA LEU C 88 29.29 -19.69 3.39
C LEU C 88 29.70 -21.05 3.95
N VAL C 89 30.99 -21.35 3.88
CA VAL C 89 31.54 -22.58 4.43
C VAL C 89 32.66 -22.23 5.41
N VAL C 90 32.57 -22.73 6.64
CA VAL C 90 33.70 -22.72 7.56
C VAL C 90 34.51 -23.99 7.26
N LYS C 91 35.68 -23.82 6.67
CA LYS C 91 36.45 -24.98 6.21
C LYS C 91 37.35 -25.51 7.31
N LYS C 92 37.59 -26.83 7.24
CA LYS C 92 38.50 -27.47 8.18
C LYS C 92 39.91 -26.90 7.99
N ALA C 93 40.56 -26.53 9.09
CA ALA C 93 41.89 -25.95 9.02
C ALA C 93 42.91 -26.94 8.46
N LYS C 94 43.83 -26.43 7.64
CA LYS C 94 45.03 -27.15 7.25
C LYS C 94 46.21 -26.67 8.09
N GLY C 95 47.32 -27.41 7.97
CA GLY C 95 48.52 -27.05 8.70
C GLY C 95 49.02 -25.66 8.36
N SER C 96 48.73 -25.20 7.15
CA SER C 96 49.18 -23.87 6.74
C SER C 96 48.33 -22.74 7.31
N ASP C 97 47.13 -23.01 7.81
CA ASP C 97 46.30 -21.94 8.34
C ASP C 97 46.86 -21.46 9.67
N MET C 98 47.02 -20.17 9.82
CA MET C 98 47.73 -19.66 10.99
C MET C 98 46.76 -19.39 12.14
N ILE C 99 47.11 -19.88 13.31
CA ILE C 99 46.35 -19.66 14.54
C ILE C 99 46.80 -18.34 15.15
N VAL C 100 45.85 -17.44 15.43
CA VAL C 100 46.23 -16.10 15.88
C VAL C 100 46.51 -16.13 17.38
N PRO C 101 47.53 -15.40 17.86
CA PRO C 101 47.69 -15.21 19.30
C PRO C 101 46.63 -14.28 19.87
N GLY C 102 46.39 -14.42 21.17
CA GLY C 102 45.42 -13.61 21.86
C GLY C 102 44.33 -14.41 22.58
N PRO C 103 43.63 -15.29 21.87
CA PRO C 103 42.55 -16.05 22.52
C PRO C 103 43.10 -17.02 23.55
N SER C 104 42.22 -17.39 24.48
CA SER C 104 42.51 -18.40 25.49
C SER C 104 42.09 -19.75 24.92
N TYR C 105 43.03 -20.41 24.23
CA TYR C 105 42.72 -21.64 23.50
C TYR C 105 42.65 -22.88 24.38
N LYS C 106 43.20 -22.84 25.59
CA LYS C 106 43.33 -24.08 26.35
C LYS C 106 41.98 -24.65 26.75
N GLY C 107 41.77 -25.93 26.45
CA GLY C 107 40.53 -26.58 26.77
C GLY C 107 39.46 -26.43 25.72
N LYS C 108 39.71 -25.63 24.68
CA LYS C 108 38.72 -25.48 23.62
C LYS C 108 38.62 -26.75 22.79
N VAL C 109 37.41 -27.05 22.35
CA VAL C 109 37.17 -28.17 21.48
C VAL C 109 36.92 -27.74 20.03
N PHE C 110 36.38 -26.53 19.81
CA PHE C 110 36.22 -25.92 18.49
C PHE C 110 36.57 -24.45 18.59
N PHE C 111 37.32 -23.95 17.62
CA PHE C 111 37.41 -22.51 17.43
C PHE C 111 37.47 -22.21 15.94
N GLU C 112 37.15 -20.97 15.61
CA GLU C 112 36.88 -20.55 14.23
C GLU C 112 37.35 -19.11 14.09
N ARG C 113 38.01 -18.78 12.99
CA ARG C 113 38.21 -17.36 12.71
C ARG C 113 37.97 -17.07 11.23
N PRO C 114 37.46 -15.88 10.91
CA PRO C 114 37.57 -15.37 9.54
C PRO C 114 39.02 -15.25 9.14
N THR C 115 39.30 -15.59 7.89
CA THR C 115 40.60 -15.38 7.30
C THR C 115 40.43 -14.42 6.12
N PHE C 116 41.56 -14.02 5.54
CA PHE C 116 41.50 -13.07 4.44
C PHE C 116 40.66 -13.59 3.28
N ASP C 117 40.72 -14.89 2.98
CA ASP C 117 39.99 -15.44 1.85
C ASP C 117 38.88 -16.41 2.25
N GLY C 118 38.45 -16.41 3.50
CA GLY C 118 37.40 -17.36 3.87
C GLY C 118 37.18 -17.41 5.36
N TYR C 119 36.84 -18.61 5.82
CA TYR C 119 36.51 -18.88 7.23
C TYR C 119 37.04 -20.27 7.54
N VAL C 120 37.78 -20.39 8.64
CA VAL C 120 38.49 -21.62 8.98
C VAL C 120 38.13 -22.06 10.39
N GLY C 121 37.89 -23.35 10.58
CA GLY C 121 37.59 -23.91 11.89
C GLY C 121 38.61 -24.97 12.26
N TRP C 122 38.87 -25.08 13.56
CA TRP C 122 39.78 -26.07 14.12
C TRP C 122 38.98 -26.90 15.12
N GLY C 123 38.96 -28.23 14.94
CA GLY C 123 38.22 -29.11 15.81
C GLY C 123 39.13 -30.07 16.58
N CYS C 124 38.55 -30.73 17.58
CA CYS C 124 39.23 -31.79 18.32
C CYS C 124 38.36 -33.03 18.33
N GLY C 125 39.01 -34.21 18.27
CA GLY C 125 38.29 -35.46 18.34
C GLY C 125 37.82 -35.78 19.75
N SER C 126 37.16 -36.93 19.87
CA SER C 126 36.55 -37.33 21.14
C SER C 126 37.59 -37.43 22.25
N GLY C 127 37.26 -36.88 23.41
CA GLY C 127 38.13 -36.95 24.56
C GLY C 127 39.32 -36.03 24.53
N LYS C 128 39.40 -35.10 23.57
CA LYS C 128 40.55 -34.22 23.47
C LYS C 128 40.10 -32.76 23.54
N SER C 129 41.05 -31.89 23.90
CA SER C 129 40.85 -30.45 23.86
C SER C 129 42.16 -29.80 23.49
N ARG C 130 42.10 -28.50 23.20
CA ARG C 130 43.27 -27.78 22.69
C ARG C 130 44.27 -27.46 23.79
N THR C 131 45.55 -27.46 23.42
CA THR C 131 46.63 -26.99 24.28
C THR C 131 46.57 -25.46 24.39
N GLU C 132 47.41 -24.91 25.28
CA GLU C 132 47.37 -23.48 25.56
C GLU C 132 47.68 -22.63 24.31
N SER C 133 48.54 -23.13 23.43
CA SER C 133 48.85 -22.41 22.20
C SER C 133 47.82 -22.61 21.10
N GLY C 134 46.89 -23.55 21.26
CA GLY C 134 45.94 -23.90 20.23
C GLY C 134 46.50 -24.78 19.14
N GLU C 135 47.80 -25.11 19.17
CA GLU C 135 48.41 -25.80 18.05
C GLU C 135 48.06 -27.28 18.01
N LEU C 136 47.78 -27.89 19.16
CA LEU C 136 47.61 -29.34 19.24
C LEU C 136 46.38 -29.66 20.07
N CYS C 137 45.78 -30.83 19.80
CA CYS C 137 44.78 -31.41 20.68
C CYS C 137 45.47 -32.44 21.58
N SER C 138 45.15 -32.39 22.86
CA SER C 138 45.65 -33.36 23.83
C SER C 138 44.47 -33.94 24.57
N SER C 139 44.66 -35.12 25.15
CA SER C 139 43.55 -35.78 25.83
C SER C 139 43.15 -34.97 27.05
N ASP C 140 41.84 -34.94 27.30
CA ASP C 140 41.25 -34.09 28.32
C ASP C 140 40.08 -34.86 28.92
N SER C 141 40.27 -35.37 30.14
CA SER C 141 39.22 -36.16 30.80
C SER C 141 37.95 -35.36 31.04
N GLY C 142 38.04 -34.04 31.10
CA GLY C 142 36.86 -33.21 31.24
C GLY C 142 35.90 -33.27 30.06
N THR C 143 36.34 -33.83 28.93
CA THR C 143 35.52 -33.88 27.74
C THR C 143 35.02 -35.28 27.40
N SER C 144 35.18 -36.23 28.33
CA SER C 144 34.90 -37.65 28.02
C SER C 144 33.42 -37.92 27.78
N SER C 145 32.54 -37.18 28.46
CA SER C 145 31.11 -37.44 28.30
C SER C 145 30.62 -37.16 26.89
N GLY C 146 31.31 -36.28 26.16
CA GLY C 146 30.78 -35.85 24.87
C GLY C 146 29.57 -34.93 24.96
N LEU C 147 29.24 -34.42 26.14
CA LEU C 147 28.14 -33.46 26.31
C LEU C 147 28.74 -32.20 26.92
N LEU C 148 29.31 -31.36 26.06
CA LEU C 148 30.22 -30.35 26.58
C LEU C 148 29.56 -28.98 26.64
N PRO C 149 30.03 -28.15 27.58
CA PRO C 149 29.45 -26.82 27.73
C PRO C 149 29.86 -25.90 26.59
N SER C 150 29.13 -24.78 26.51
CA SER C 150 29.34 -23.84 25.42
C SER C 150 30.69 -23.15 25.52
N ASP C 151 31.27 -23.04 26.72
CA ASP C 151 32.55 -22.34 26.77
C ASP C 151 33.69 -23.17 26.18
N ARG C 152 33.40 -24.34 25.64
CA ARG C 152 34.37 -25.12 24.87
C ARG C 152 34.40 -24.71 23.40
N VAL C 153 33.55 -23.76 23.01
CA VAL C 153 33.41 -23.26 21.65
C VAL C 153 33.92 -21.83 21.63
N LEU C 154 34.83 -21.51 20.71
CA LEU C 154 35.44 -20.19 20.67
C LEU C 154 35.26 -19.59 19.28
N TRP C 155 34.57 -18.45 19.20
CA TRP C 155 34.34 -17.73 17.97
C TRP C 155 35.18 -16.45 18.00
N ILE C 156 36.10 -16.33 17.05
CA ILE C 156 37.09 -15.25 17.06
C ILE C 156 36.57 -14.14 16.16
N GLY C 157 36.47 -12.93 16.71
CA GLY C 157 36.07 -11.76 15.97
C GLY C 157 34.73 -11.21 16.43
N ASP C 158 34.53 -9.94 16.13
CA ASP C 158 33.24 -9.26 16.25
C ASP C 158 32.65 -9.22 14.84
N VAL C 159 31.74 -10.16 14.53
CA VAL C 159 31.35 -10.46 13.15
C VAL C 159 29.82 -10.52 13.05
N ALA C 160 29.28 -10.00 11.94
CA ALA C 160 27.88 -10.17 11.60
C ALA C 160 27.75 -10.60 10.15
N CYS C 161 27.03 -11.71 9.92
CA CYS C 161 26.75 -12.20 8.60
C CYS C 161 25.27 -12.01 8.29
N GLN C 162 24.96 -11.84 7.02
CA GLN C 162 23.64 -11.41 6.59
C GLN C 162 23.48 -11.83 5.15
N PRO C 163 22.26 -12.02 4.67
CA PRO C 163 22.04 -12.23 3.23
C PRO C 163 22.59 -11.05 2.44
N MET C 164 23.34 -11.36 1.40
CA MET C 164 24.13 -10.37 0.66
C MET C 164 23.41 -9.89 -0.59
N THR C 165 23.62 -8.62 -0.95
CA THR C 165 23.27 -8.13 -2.28
C THR C 165 24.51 -8.21 -3.17
N PRO C 166 24.60 -9.17 -4.09
CA PRO C 166 25.84 -9.38 -4.85
C PRO C 166 26.24 -8.16 -5.67
N ILE C 167 27.55 -7.93 -5.77
CA ILE C 167 28.08 -6.82 -6.53
C ILE C 167 28.85 -7.37 -7.72
N PRO C 168 28.96 -6.63 -8.81
CA PRO C 168 29.75 -7.12 -9.95
C PRO C 168 31.24 -7.07 -9.65
N GLU C 169 31.99 -7.85 -10.42
CA GLU C 169 33.43 -7.90 -10.29
C GLU C 169 34.05 -6.50 -10.38
N GLU C 170 33.51 -5.64 -11.24
CA GLU C 170 34.06 -4.30 -11.39
C GLU C 170 34.06 -3.55 -10.07
N THR C 171 32.98 -3.67 -9.29
CA THR C 171 32.94 -3.02 -7.99
C THR C 171 33.90 -3.65 -7.01
N PHE C 172 34.04 -4.98 -7.05
CA PHE C 172 35.01 -5.65 -6.19
C PHE C 172 36.42 -5.18 -6.47
N LEU C 173 36.78 -5.04 -7.74
CA LEU C 173 38.16 -4.67 -8.09
C LEU C 173 38.48 -3.24 -7.68
N GLU C 174 37.48 -2.35 -7.65
CA GLU C 174 37.72 -0.97 -7.24
C GLU C 174 37.79 -0.87 -5.71
N LEU C 175 36.93 -1.60 -5.01
CA LEU C 175 37.11 -1.78 -3.58
C LEU C 175 38.50 -2.32 -3.26
N LYS C 176 38.91 -3.37 -3.97
CA LYS C 176 40.18 -4.03 -3.69
C LYS C 176 41.34 -3.07 -3.89
N SER C 177 41.27 -2.25 -4.93
CA SER C 177 42.32 -1.26 -5.14
C SER C 177 42.31 -0.19 -4.06
N PHE C 178 41.14 0.16 -3.55
CA PHE C 178 41.09 1.16 -2.48
C PHE C 178 41.71 0.62 -1.19
N SER C 179 41.42 -0.64 -0.86
CA SER C 179 42.07 -1.28 0.29
C SER C 179 43.58 -1.27 0.17
N GLN C 180 44.09 -1.63 -1.02
CA GLN C 180 45.53 -1.64 -1.25
C GLN C 180 46.13 -0.26 -0.97
N SER C 181 45.44 0.80 -1.41
CA SER C 181 45.96 2.15 -1.19
C SER C 181 45.90 2.56 0.27
N GLU C 182 44.97 1.99 1.04
CA GLU C 182 44.86 2.30 2.47
C GLU C 182 45.87 1.55 3.32
N PHE C 183 46.32 0.36 2.89
CA PHE C 183 47.30 -0.43 3.64
C PHE C 183 48.54 -0.71 2.79
N PRO C 184 49.28 0.34 2.43
CA PRO C 184 50.41 0.14 1.50
C PRO C 184 51.58 -0.63 2.08
N ASP C 185 51.62 -0.83 3.39
CA ASP C 185 52.74 -1.52 4.02
C ASP C 185 52.49 -3.02 4.20
N ILE C 186 51.28 -3.50 3.97
CA ILE C 186 50.99 -4.91 4.15
C ILE C 186 51.44 -5.68 2.90
N CYS C 187 52.06 -6.84 3.11
CA CYS C 187 52.48 -7.71 2.02
C CYS C 187 51.52 -8.87 1.83
N LYS C 188 51.44 -9.78 2.80
CA LYS C 188 50.48 -10.86 2.73
C LYS C 188 49.56 -10.82 3.94
N ILE C 189 48.33 -11.31 3.74
CA ILE C 189 47.42 -11.55 4.84
C ILE C 189 46.99 -13.01 4.80
N ASP C 190 47.19 -13.72 5.90
CA ASP C 190 46.80 -15.13 6.00
C ASP C 190 47.37 -15.91 4.83
N GLY C 191 48.62 -15.58 4.48
CA GLY C 191 49.35 -16.22 3.41
C GLY C 191 48.95 -15.84 2.02
N ILE C 192 48.00 -14.90 1.86
CA ILE C 192 47.50 -14.48 0.56
C ILE C 192 48.17 -13.15 0.20
N VAL C 193 48.70 -13.05 -1.02
CA VAL C 193 49.36 -11.81 -1.44
C VAL C 193 48.36 -10.66 -1.46
N PHE C 194 48.69 -9.58 -0.76
CA PHE C 194 47.87 -8.38 -0.68
C PHE C 194 48.47 -7.23 -1.46
N ASN C 195 49.74 -6.90 -1.20
CA ASN C 195 50.57 -6.10 -2.09
C ASN C 195 51.80 -6.90 -2.48
N GLN C 196 52.37 -6.59 -3.64
CA GLN C 196 53.62 -7.24 -4.03
C GLN C 196 54.77 -6.74 -3.18
N CYS C 197 55.57 -7.68 -2.66
CA CYS C 197 56.67 -7.38 -1.78
C CYS C 197 57.86 -8.25 -2.10
N GLU C 198 59.05 -7.76 -1.75
CA GLU C 198 60.19 -8.67 -1.71
C GLU C 198 60.53 -9.01 -0.27
N GLY C 199 61.18 -8.11 0.47
CA GLY C 199 61.42 -8.36 1.88
C GLY C 199 60.14 -8.18 2.72
N GLU C 200 59.87 -9.12 3.62
CA GLU C 200 58.68 -9.07 4.46
C GLU C 200 59.03 -9.47 5.90
N SER C 201 58.24 -8.94 6.84
CA SER C 201 58.29 -9.34 8.23
C SER C 201 57.83 -10.79 8.36
N LEU C 202 57.98 -11.33 9.57
CA LEU C 202 57.26 -12.54 9.93
C LEU C 202 55.78 -12.22 10.09
N PRO C 203 54.90 -13.23 10.00
CA PRO C 203 53.46 -12.95 10.14
C PRO C 203 53.15 -12.42 11.53
N GLN C 204 52.30 -11.40 11.58
CA GLN C 204 52.01 -10.75 12.85
C GLN C 204 50.51 -10.59 13.04
N PRO C 205 50.04 -10.63 14.29
CA PRO C 205 48.60 -10.40 14.54
C PRO C 205 48.18 -9.01 14.11
N PHE C 206 47.06 -8.96 13.41
CA PHE C 206 46.63 -7.75 12.71
C PHE C 206 45.12 -7.63 12.91
N ASP C 207 44.68 -6.65 13.71
CA ASP C 207 43.26 -6.41 13.91
C ASP C 207 42.73 -5.42 12.87
N VAL C 208 41.67 -5.79 12.16
CA VAL C 208 41.22 -4.99 11.04
C VAL C 208 39.72 -5.12 10.85
N ALA C 209 39.12 -4.03 10.38
CA ALA C 209 37.75 -4.06 9.88
C ALA C 209 37.72 -4.60 8.46
N TRP C 210 36.69 -5.36 8.12
CA TRP C 210 36.65 -5.99 6.80
C TRP C 210 35.21 -6.29 6.43
N MET C 211 34.99 -6.53 5.15
CA MET C 211 33.71 -7.09 4.71
C MET C 211 33.95 -8.14 3.65
N ASP C 212 33.08 -9.12 3.65
CA ASP C 212 33.07 -10.15 2.63
C ASP C 212 31.98 -9.78 1.64
N VAL C 213 32.37 -9.49 0.40
CA VAL C 213 31.41 -9.06 -0.61
C VAL C 213 31.21 -10.14 -1.67
N GLY C 214 31.62 -11.37 -1.34
CA GLY C 214 31.32 -12.51 -2.19
C GLY C 214 32.29 -12.77 -3.31
N HIS C 215 33.50 -12.23 -3.25
CA HIS C 215 34.45 -12.55 -4.31
C HIS C 215 35.65 -13.32 -3.76
N SER C 216 36.83 -13.18 -4.36
CA SER C 216 37.93 -14.06 -4.00
C SER C 216 38.49 -13.79 -2.60
N HIS C 217 38.36 -12.58 -2.08
CA HIS C 217 38.88 -12.31 -0.75
C HIS C 217 38.16 -11.10 -0.15
N LYS C 218 38.39 -10.89 1.15
CA LYS C 218 37.72 -9.82 1.86
C LYS C 218 38.29 -8.47 1.45
N ILE C 219 37.47 -7.43 1.68
CA ILE C 219 37.86 -6.04 1.53
C ILE C 219 38.16 -5.51 2.92
N ILE C 220 39.43 -5.24 3.23
CA ILE C 220 39.77 -4.69 4.55
C ILE C 220 39.75 -3.18 4.46
N MET C 221 39.46 -2.54 5.60
CA MET C 221 39.05 -1.15 5.60
C MET C 221 39.66 -0.43 6.80
N ARG C 222 40.24 0.74 6.56
CA ARG C 222 40.52 1.68 7.63
C ARG C 222 39.34 2.65 7.77
N GLU C 223 39.31 3.72 6.99
CA GLU C 223 38.21 4.67 7.09
C GLU C 223 36.99 4.11 6.37
N HIS C 224 35.87 3.95 7.10
CA HIS C 224 34.64 3.48 6.48
C HIS C 224 33.46 3.90 7.33
N LYS C 225 32.27 3.81 6.75
CA LYS C 225 31.05 4.14 7.47
C LYS C 225 30.10 2.97 7.36
N THR C 226 29.34 2.72 8.43
CA THR C 226 28.27 1.73 8.41
C THR C 226 26.95 2.39 8.77
N LYS C 227 25.88 1.85 8.22
CA LYS C 227 24.54 2.23 8.63
C LYS C 227 23.71 0.96 8.74
N TRP C 228 22.98 0.83 9.85
CA TRP C 228 22.09 -0.29 10.08
C TRP C 228 20.66 0.15 9.87
N VAL C 229 19.91 -0.58 9.04
CA VAL C 229 18.49 -0.30 8.83
C VAL C 229 17.72 -1.61 8.94
N GLN C 230 16.63 -1.59 9.71
CA GLN C 230 15.72 -2.73 9.81
C GLN C 230 14.84 -2.75 8.56
N GLU C 231 15.03 -3.77 7.70
CA GLU C 231 14.32 -3.88 6.43
C GLU C 231 13.10 -4.78 6.49
N SER C 232 12.93 -5.53 7.58
CA SER C 232 11.77 -6.39 7.79
C SER C 232 11.53 -7.34 6.61
N SER C 233 12.60 -8.00 6.17
CA SER C 233 12.43 -9.07 5.19
C SER C 233 11.99 -10.36 5.90
N SER C 234 11.62 -11.37 5.10
CA SER C 234 11.05 -12.57 5.71
C SER C 234 12.05 -13.27 6.63
N LYS C 235 13.34 -13.25 6.29
CA LYS C 235 14.35 -13.86 7.17
C LYS C 235 14.59 -13.05 8.43
N ASP C 236 13.99 -11.87 8.57
CA ASP C 236 14.15 -11.12 9.80
C ASP C 236 13.14 -11.54 10.86
N PHE C 237 12.29 -12.53 10.56
CA PHE C 237 11.32 -13.06 11.50
C PHE C 237 11.50 -14.56 11.68
N VAL C 238 11.22 -15.04 12.89
CA VAL C 238 11.15 -16.48 13.15
C VAL C 238 9.75 -16.83 13.61
N CYS C 239 9.35 -18.08 13.39
CA CYS C 239 8.00 -18.55 13.70
C CYS C 239 8.09 -19.76 14.64
N TYR C 240 7.25 -19.74 15.68
CA TYR C 240 7.33 -20.70 16.77
C TYR C 240 5.99 -20.72 17.49
N LYS C 241 5.85 -21.66 18.41
CA LYS C 241 4.76 -21.67 19.38
C LYS C 241 5.36 -21.58 20.77
N GLU C 242 4.69 -20.86 21.67
CA GLU C 242 5.27 -20.58 22.99
C GLU C 242 5.62 -21.88 23.71
N GLY C 243 6.86 -21.94 24.21
CA GLY C 243 7.30 -23.07 25.01
C GLY C 243 7.61 -24.34 24.25
N THR C 244 7.27 -24.43 22.96
CA THR C 244 7.41 -25.70 22.24
C THR C 244 8.27 -25.63 21.00
N GLY C 245 8.92 -24.51 20.71
CA GLY C 245 9.94 -24.47 19.69
C GLY C 245 9.44 -24.04 18.32
N PRO C 246 10.28 -24.24 17.30
CA PRO C 246 10.00 -23.65 15.98
C PRO C 246 8.86 -24.34 15.25
N CYS C 247 8.15 -23.57 14.43
CA CYS C 247 7.14 -24.16 13.55
C CYS C 247 7.79 -24.92 12.42
N SER C 248 7.01 -25.82 11.80
CA SER C 248 7.48 -26.61 10.67
C SER C 248 7.69 -25.73 9.44
N GLU C 249 8.32 -26.31 8.41
CA GLU C 249 8.57 -25.56 7.19
C GLU C 249 7.27 -25.10 6.52
N SER C 250 6.27 -25.97 6.45
CA SER C 250 5.04 -25.58 5.76
C SER C 250 4.24 -24.60 6.60
N GLU C 251 4.24 -24.78 7.93
CA GLU C 251 3.60 -23.80 8.81
C GLU C 251 4.26 -22.45 8.66
N GLU C 252 5.59 -22.42 8.67
CA GLU C 252 6.29 -21.15 8.53
C GLU C 252 5.95 -20.49 7.21
N LYS C 253 5.89 -21.27 6.13
CA LYS C 253 5.57 -20.71 4.84
C LYS C 253 4.17 -20.08 4.85
N THR C 254 3.21 -20.74 5.50
CA THR C 254 1.86 -20.18 5.62
C THR C 254 1.90 -18.84 6.37
N CYS C 255 2.60 -18.80 7.51
CA CYS C 255 2.65 -17.56 8.30
C CYS C 255 3.26 -16.40 7.51
N LYS C 256 4.25 -16.68 6.69
CA LYS C 256 4.97 -15.61 6.00
C LYS C 256 4.42 -15.30 4.62
N THR C 257 3.38 -16.01 4.18
CA THR C 257 2.72 -15.69 2.91
C THR C 257 1.25 -15.26 3.03
N SER C 258 0.51 -15.77 4.00
CA SER C 258 -0.95 -15.63 3.99
C SER C 258 -1.47 -14.53 4.92
N GLY C 259 -0.65 -13.96 5.79
CA GLY C 259 -1.14 -12.99 6.75
C GLY C 259 -2.09 -13.52 7.81
N SER C 260 -2.13 -14.84 8.00
CA SER C 260 -3.16 -15.43 8.87
C SER C 260 -2.64 -15.91 10.23
N CYS C 261 -1.36 -15.73 10.54
CA CYS C 261 -0.79 -16.23 11.78
C CYS C 261 -0.73 -15.14 12.84
N ARG C 262 -0.44 -15.55 14.07
CA ARG C 262 -0.17 -14.58 15.13
C ARG C 262 1.20 -13.97 14.88
N GLY C 263 1.43 -12.78 15.43
CA GLY C 263 2.73 -12.16 15.28
C GLY C 263 2.91 -11.00 16.24
N ASP C 264 4.17 -10.59 16.40
CA ASP C 264 4.42 -9.35 17.13
C ASP C 264 4.05 -8.15 16.26
N MET C 265 4.27 -6.95 16.79
CA MET C 265 3.74 -5.77 16.13
C MET C 265 4.38 -5.55 14.77
N GLN C 266 5.71 -5.71 14.69
CA GLN C 266 6.37 -5.45 13.42
C GLN C 266 6.00 -6.50 12.36
N PHE C 267 5.69 -7.72 12.79
CA PHE C 267 5.22 -8.73 11.84
C PHE C 267 3.84 -8.39 11.29
N CYS C 268 2.90 -8.02 12.17
CA CYS C 268 1.61 -7.50 11.71
C CYS C 268 1.80 -6.36 10.72
N LYS C 269 2.66 -5.41 11.08
CA LYS C 269 2.83 -4.21 10.27
C LYS C 269 3.29 -4.52 8.86
N VAL C 270 4.01 -5.63 8.66
CA VAL C 270 4.71 -5.91 7.41
C VAL C 270 4.05 -7.05 6.64
N ALA C 271 3.82 -8.19 7.29
CA ALA C 271 3.32 -9.37 6.59
C ALA C 271 1.87 -9.69 6.91
N GLY C 272 1.27 -9.01 7.89
CA GLY C 272 -0.10 -9.28 8.27
C GLY C 272 -0.19 -10.37 9.33
N CYS C 273 -1.19 -10.25 10.17
CA CYS C 273 -1.39 -11.20 11.26
C CYS C 273 -2.88 -11.32 11.50
N GLU C 274 -3.27 -12.39 12.21
CA GLU C 274 -4.63 -12.57 12.70
C GLU C 274 -4.55 -13.12 14.10
N HIS C 275 -5.34 -12.58 15.01
CA HIS C 275 -5.35 -13.00 16.40
C HIS C 275 -6.76 -13.35 16.83
N GLY C 276 -6.93 -14.53 17.42
CA GLY C 276 -8.17 -14.93 18.03
C GLY C 276 -9.31 -15.10 17.07
N GLU C 277 -10.26 -15.96 17.41
CA GLU C 277 -10.13 -16.82 18.58
C GLU C 277 -9.68 -18.19 18.12
N GLU C 278 -9.55 -19.13 19.07
CA GLU C 278 -9.29 -20.51 18.70
C GLU C 278 -10.12 -21.43 19.56
N ALA C 279 -10.58 -22.52 18.93
CA ALA C 279 -11.26 -23.58 19.69
C ALA C 279 -10.35 -24.14 20.77
N SER C 280 -9.09 -24.36 20.44
CA SER C 280 -8.10 -24.93 21.34
C SER C 280 -6.75 -24.77 20.65
N GLU C 281 -5.68 -25.14 21.36
CA GLU C 281 -4.28 -25.07 20.93
C GLU C 281 -3.85 -23.73 20.32
N ALA C 282 -2.78 -23.20 20.91
CA ALA C 282 -2.09 -22.06 20.34
C ALA C 282 -1.59 -22.42 18.95
N LYS C 283 -1.63 -21.44 18.04
CA LYS C 283 -1.10 -21.58 16.69
C LYS C 283 0.22 -20.84 16.58
N CYS C 284 0.82 -20.89 15.37
CA CYS C 284 2.15 -20.32 15.15
C CYS C 284 2.13 -18.81 15.33
N ARG C 285 3.24 -18.29 15.82
CA ARG C 285 3.44 -16.86 15.94
C ARG C 285 4.79 -16.51 15.32
N CYS C 286 4.88 -15.37 14.64
CA CYS C 286 6.18 -14.93 14.11
C CYS C 286 6.55 -13.61 14.77
N SER C 287 7.84 -13.45 15.05
CA SER C 287 8.29 -12.24 15.73
C SER C 287 9.64 -11.82 15.16
N LEU C 288 9.93 -10.53 15.34
CA LEU C 288 11.14 -9.92 14.82
C LEU C 288 12.36 -10.45 15.53
N VAL C 289 13.35 -10.87 14.75
CA VAL C 289 14.62 -11.32 15.32
C VAL C 289 15.38 -10.10 15.87
N HIS C 290 16.09 -10.28 16.99
CA HIS C 290 16.72 -9.16 17.69
C HIS C 290 18.09 -8.85 17.06
N LYS C 291 18.14 -7.78 16.28
CA LYS C 291 19.38 -7.29 15.68
C LYS C 291 19.17 -5.85 15.29
N PRO C 292 20.24 -5.09 15.00
CA PRO C 292 20.05 -3.70 14.57
C PRO C 292 19.44 -3.57 13.19
N GLY C 293 19.47 -4.63 12.39
CA GLY C 293 18.92 -4.59 11.06
C GLY C 293 19.91 -5.15 10.06
N GLU C 294 19.92 -4.58 8.87
CA GLU C 294 20.85 -4.93 7.81
C GLU C 294 21.90 -3.83 7.73
N VAL C 295 23.16 -4.23 7.55
CA VAL C 295 24.26 -3.25 7.58
C VAL C 295 24.65 -2.90 6.16
N VAL C 296 24.79 -1.61 5.90
CA VAL C 296 25.28 -1.08 4.64
C VAL C 296 26.60 -0.39 4.91
N VAL C 297 27.62 -0.74 4.14
CA VAL C 297 28.97 -0.24 4.36
C VAL C 297 29.29 0.79 3.28
N SER C 298 29.70 1.98 3.72
CA SER C 298 30.21 3.02 2.83
C SER C 298 31.73 2.96 2.82
N TYR C 299 32.31 2.67 1.66
CA TYR C 299 33.76 2.53 1.58
C TYR C 299 34.24 2.92 0.19
N GLY C 300 35.26 3.77 0.12
CA GLY C 300 35.84 4.15 -1.15
C GLY C 300 34.86 4.79 -2.10
N GLY C 301 33.86 5.50 -1.59
CA GLY C 301 32.84 6.09 -2.43
C GLY C 301 31.74 5.14 -2.87
N MET C 302 31.72 3.91 -2.37
CA MET C 302 30.71 2.94 -2.74
C MET C 302 29.87 2.58 -1.53
N ARG C 303 28.66 2.11 -1.79
CA ARG C 303 27.78 1.59 -0.76
C ARG C 303 27.51 0.12 -1.09
N VAL C 304 27.72 -0.75 -0.11
CA VAL C 304 27.67 -2.19 -0.33
C VAL C 304 26.91 -2.80 0.83
N ARG C 305 26.09 -3.80 0.51
CA ARG C 305 25.48 -4.66 1.53
C ARG C 305 26.22 -5.99 1.54
N PRO C 306 27.21 -6.15 2.40
CA PRO C 306 28.08 -7.34 2.33
C PRO C 306 27.41 -8.59 2.87
N LYS C 307 28.04 -9.74 2.58
CA LYS C 307 27.62 -11.00 3.19
C LYS C 307 28.00 -11.09 4.66
N CYS C 308 29.19 -10.64 5.02
CA CYS C 308 29.61 -10.54 6.41
C CYS C 308 30.41 -9.26 6.57
N TYR C 309 30.40 -8.76 7.79
CA TYR C 309 31.09 -7.53 8.13
C TYR C 309 31.63 -7.71 9.54
N GLY C 310 32.86 -7.29 9.76
CA GLY C 310 33.37 -7.57 11.08
C GLY C 310 34.69 -6.90 11.39
N PHE C 311 35.11 -7.10 12.62
CA PHE C 311 36.40 -6.64 13.12
C PHE C 311 37.02 -7.82 13.83
N SER C 312 38.18 -8.27 13.36
CA SER C 312 38.75 -9.52 13.86
C SER C 312 40.25 -9.55 13.55
N ARG C 313 40.92 -10.55 14.13
CA ARG C 313 42.37 -10.69 14.04
C ARG C 313 42.74 -11.66 12.94
N MET C 314 43.63 -11.23 12.07
CA MET C 314 44.23 -12.07 11.02
C MET C 314 45.74 -11.99 11.18
N MET C 315 46.47 -12.72 10.35
CA MET C 315 47.94 -12.71 10.41
C MET C 315 48.46 -12.01 9.16
N ALA C 316 49.22 -10.94 9.35
CA ALA C 316 49.75 -10.18 8.22
C ALA C 316 51.25 -10.04 8.32
N THR C 317 51.90 -10.05 7.16
CA THR C 317 53.31 -9.66 7.05
C THR C 317 53.39 -8.24 6.54
N LEU C 318 54.42 -7.53 6.98
CA LEU C 318 54.61 -6.14 6.65
C LEU C 318 55.90 -5.97 5.86
N GLU C 319 55.93 -4.98 4.96
CA GLU C 319 57.13 -4.67 4.17
C GLU C 319 58.32 -4.37 5.09
N VAL C 320 59.49 -4.87 4.69
CA VAL C 320 60.77 -4.54 5.30
C VAL C 320 61.65 -3.95 4.21
N ASN C 321 62.30 -2.82 4.48
CA ASN C 321 63.22 -2.24 3.48
C ASN C 321 64.46 -1.60 4.10
#